data_2M8V
#
_entry.id   2M8V
#
_entity_poly.entity_id   1
_entity_poly.type   'polypeptide(L)'
_entity_poly.pdbx_seq_one_letter_code
;ADRGWIK(DBB)L(DBB)KDCPNVISSICAGTIITACKNCA
;
_entity_poly.pdbx_strand_id   A
#
# COMPACT_ATOMS: atom_id res chain seq x y z
N ALA A 1 21.53 5.48 -5.51
CA ALA A 1 22.42 4.42 -4.98
C ALA A 1 21.89 3.03 -5.33
N ASP A 2 20.83 2.62 -4.65
CA ASP A 2 20.23 1.32 -4.89
C ASP A 2 18.89 1.45 -5.60
N ARG A 3 18.71 0.69 -6.69
CA ARG A 3 17.48 0.73 -7.46
C ARG A 3 16.47 -0.28 -6.91
N GLY A 4 15.20 0.14 -6.85
CA GLY A 4 14.16 -0.73 -6.35
C GLY A 4 13.23 -0.03 -5.38
N TRP A 5 11.99 0.18 -5.80
CA TRP A 5 11.01 0.86 -4.96
C TRP A 5 9.61 0.28 -5.19
N ILE A 6 8.91 -0.02 -4.10
CA ILE A 6 7.56 -0.56 -4.19
C ILE A 6 6.54 0.52 -4.47
N LYS A 7 5.39 0.13 -5.02
CA LYS A 7 4.33 1.07 -5.34
C LYS A 7 3.14 0.91 -4.40
N DBB A 8 2.70 -0.34 -4.21
CA DBB A 8 1.57 -0.63 -3.34
C DBB A 8 0.78 -1.84 -3.85
O DBB A 8 -0.45 -1.81 -3.91
CB DBB A 8 2.05 -0.86 -1.91
CG DBB A 8 0.90 -0.97 -0.92
H DBB A 8 3.15 -1.08 -4.69
HA DBB A 8 0.92 0.23 -3.35
HB3 DBB A 8 2.67 -0.02 -1.62
HG1 DBB A 8 1.29 -1.12 0.07
HG2 DBB A 8 0.28 -1.82 -1.19
HG3 DBB A 8 0.31 -0.06 -0.96
N LEU A 9 1.50 -2.90 -4.24
CA LEU A 9 0.86 -4.11 -4.76
C LEU A 9 0.15 -4.92 -3.68
N DBB A 10 0.69 -4.90 -2.47
CA DBB A 10 0.09 -5.65 -1.37
C DBB A 10 1.14 -6.49 -0.63
O DBB A 10 1.54 -6.18 0.48
CB DBB A 10 -0.62 -4.70 -0.39
CG DBB A 10 0.32 -3.78 0.34
H DBB A 10 1.50 -4.39 -2.32
HA DBB A 10 -0.65 -6.32 -1.79
HB3 DBB A 10 -1.18 -5.29 0.34
HG1 DBB A 10 -0.25 -2.99 0.81
HG2 DBB A 10 1.01 -3.35 -0.36
HG3 DBB A 10 0.86 -4.32 1.11
N LYS A 11 1.57 -7.57 -1.28
CA LYS A 11 2.57 -8.46 -0.70
C LYS A 11 3.98 -7.89 -0.81
N ASP A 12 4.13 -6.80 -1.55
CA ASP A 12 5.43 -6.17 -1.73
C ASP A 12 5.56 -4.86 -0.94
N CYS A 13 4.50 -4.49 -0.23
CA CYS A 13 4.51 -3.25 0.56
C CYS A 13 4.37 -3.56 2.06
N PRO A 14 5.48 -3.78 2.76
CA PRO A 14 5.47 -4.08 4.18
C PRO A 14 5.14 -2.87 5.04
N ASN A 15 5.14 -1.68 4.42
CA ASN A 15 4.84 -0.45 5.14
C ASN A 15 3.34 -0.17 5.12
N VAL A 16 2.86 0.44 4.04
CA VAL A 16 1.44 0.76 3.90
C VAL A 16 0.99 1.69 5.02
N ILE A 17 -0.12 2.39 4.79
CA ILE A 17 -0.66 3.32 5.77
C ILE A 17 -2.10 2.96 6.10
N SER A 18 -2.79 3.88 6.77
CA SER A 18 -4.18 3.66 7.16
C SER A 18 -5.08 3.61 5.92
N SER A 19 -5.42 2.40 5.48
CA SER A 19 -6.26 2.22 4.32
C SER A 19 -6.73 0.77 4.19
N ILE A 20 -5.82 -0.15 4.44
CA ILE A 20 -6.13 -1.57 4.36
C ILE A 20 -5.58 -2.33 5.56
N CYS A 21 -4.26 -2.43 5.61
CA CYS A 21 -3.58 -3.13 6.70
C CYS A 21 -3.19 -2.15 7.80
N ALA A 22 -2.90 -0.92 7.40
CA ALA A 22 -2.51 0.11 8.35
C ALA A 22 -1.26 -0.29 9.14
N GLY A 23 -0.29 -0.87 8.44
CA GLY A 23 0.93 -1.30 9.09
C GLY A 23 0.69 -2.37 10.14
N THR A 24 0.69 -3.63 9.71
CA THR A 24 0.48 -4.74 10.63
C THR A 24 0.91 -6.06 9.98
N ILE A 25 1.00 -7.11 10.79
CA ILE A 25 1.40 -8.42 10.31
C ILE A 25 0.25 -9.16 9.64
N ILE A 26 -0.19 -8.64 8.48
CA ILE A 26 -1.29 -9.23 7.72
C ILE A 26 -2.44 -9.66 8.63
N THR A 27 -3.45 -8.80 8.75
CA THR A 27 -4.61 -9.09 9.58
C THR A 27 -5.87 -9.18 8.73
N ALA A 28 -6.34 -8.03 8.25
CA ALA A 28 -7.54 -7.97 7.42
C ALA A 28 -7.22 -7.52 6.00
N CYS A 29 -6.01 -7.00 5.80
CA CYS A 29 -5.58 -6.53 4.49
C CYS A 29 -5.40 -7.70 3.53
N LYS A 30 -6.50 -8.36 3.17
CA LYS A 30 -6.46 -9.49 2.26
C LYS A 30 -6.60 -9.05 0.80
N ASN A 31 -6.49 -7.75 0.56
CA ASN A 31 -6.61 -7.21 -0.79
C ASN A 31 -5.99 -5.83 -0.89
N CYS A 32 -4.98 -5.69 -1.75
CA CYS A 32 -4.31 -4.41 -1.94
C CYS A 32 -4.89 -3.66 -3.13
N ALA A 33 -4.86 -4.30 -4.30
CA ALA A 33 -5.38 -3.70 -5.51
C ALA A 33 -4.62 -2.42 -5.87
N ALA A 1 1.35 8.14 -6.01
CA ALA A 1 2.42 9.10 -6.42
C ALA A 1 3.73 8.78 -5.70
N ASP A 2 3.94 7.51 -5.39
CA ASP A 2 5.15 7.08 -4.71
C ASP A 2 6.33 6.98 -5.69
N ARG A 3 7.49 7.46 -5.26
CA ARG A 3 8.68 7.43 -6.09
C ARG A 3 9.84 6.76 -5.35
N GLY A 4 10.41 5.74 -5.98
CA GLY A 4 11.54 5.04 -5.37
C GLY A 4 11.21 3.58 -5.10
N TRP A 5 10.14 3.34 -4.35
CA TRP A 5 9.73 1.98 -4.01
C TRP A 5 8.27 1.74 -4.40
N ILE A 6 7.76 0.56 -4.07
CA ILE A 6 6.39 0.21 -4.39
C ILE A 6 5.40 1.16 -3.71
N LYS A 7 4.18 1.19 -4.22
CA LYS A 7 3.14 2.06 -3.67
C LYS A 7 2.11 1.26 -2.88
N DBB A 8 1.83 0.05 -3.34
CA DBB A 8 0.86 -0.81 -2.67
C DBB A 8 0.35 -1.91 -3.62
O DBB A 8 -0.85 -2.17 -3.68
CB DBB A 8 1.48 -1.43 -1.43
CG DBB A 8 0.57 -2.44 -0.73
H DBB A 8 2.28 -0.28 -4.15
HA DBB A 8 0.02 -0.20 -2.38
HB3 DBB A 8 1.73 -0.65 -0.72
HG1 DBB A 8 1.01 -2.72 0.23
HG2 DBB A 8 0.47 -3.32 -1.35
HG3 DBB A 8 -0.39 -1.99 -0.56
N LEU A 9 1.28 -2.51 -4.35
CA LEU A 9 0.92 -3.57 -5.31
C LEU A 9 0.46 -4.84 -4.60
N DBB A 10 0.81 -4.97 -3.32
CA DBB A 10 0.43 -6.16 -2.55
C DBB A 10 1.25 -6.28 -1.27
O DBB A 10 1.68 -5.28 -0.71
CB DBB A 10 -1.07 -6.12 -2.24
CG DBB A 10 -1.61 -7.47 -1.80
H DBB A 10 1.32 -4.26 -2.88
HA DBB A 10 0.63 -7.02 -3.17
HB3 DBB A 10 -1.60 -5.82 -3.14
HG1 DBB A 10 -2.64 -7.36 -1.48
HG2 DBB A 10 -1.01 -7.86 -0.98
HG3 DBB A 10 -1.57 -8.17 -2.63
N LYS A 11 1.45 -7.51 -0.83
CA LYS A 11 2.21 -7.78 0.39
C LYS A 11 3.67 -7.38 0.23
N ASP A 12 4.13 -7.27 -1.01
CA ASP A 12 5.50 -6.89 -1.29
C ASP A 12 5.82 -5.50 -0.73
N CYS A 13 4.77 -4.72 -0.48
CA CYS A 13 4.94 -3.37 0.06
C CYS A 13 5.42 -3.42 1.51
N PRO A 14 6.23 -2.43 1.92
CA PRO A 14 6.76 -2.36 3.29
C PRO A 14 5.65 -2.37 4.33
N ASN A 15 4.80 -1.36 4.27
CA ASN A 15 3.68 -1.23 5.19
C ASN A 15 2.68 -0.19 4.70
N VAL A 16 3.20 0.91 4.16
CA VAL A 16 2.36 2.00 3.64
C VAL A 16 1.23 2.33 4.61
N ILE A 17 1.59 2.69 5.83
CA ILE A 17 0.61 3.05 6.86
C ILE A 17 -0.18 1.83 7.31
N SER A 18 -0.72 1.91 8.51
CA SER A 18 -1.51 0.83 9.07
C SER A 18 -3.01 1.13 8.98
N SER A 19 -3.42 1.69 7.84
CA SER A 19 -4.82 2.03 7.61
C SER A 19 -5.02 2.55 6.19
N ILE A 20 -5.23 1.64 5.25
CA ILE A 20 -5.43 1.99 3.86
C ILE A 20 -4.21 2.68 3.28
N CYS A 21 -4.06 2.57 1.97
CA CYS A 21 -2.92 3.17 1.27
C CYS A 21 -2.97 4.69 1.36
N ALA A 22 -4.10 5.25 0.94
CA ALA A 22 -4.30 6.69 0.97
C ALA A 22 -5.69 7.06 0.47
N GLY A 23 -6.54 7.51 1.38
CA GLY A 23 -7.89 7.90 1.02
C GLY A 23 -8.02 9.37 0.73
N THR A 24 -7.09 9.90 -0.06
CA THR A 24 -7.10 11.32 -0.41
C THR A 24 -6.43 11.54 -1.76
N ILE A 25 -6.52 10.55 -2.64
CA ILE A 25 -5.92 10.66 -3.96
C ILE A 25 -6.87 10.14 -5.04
N ILE A 26 -7.07 8.82 -5.08
CA ILE A 26 -7.95 8.20 -6.06
C ILE A 26 -8.28 6.76 -5.66
N THR A 27 -7.24 5.96 -5.48
CA THR A 27 -7.41 4.56 -5.11
C THR A 27 -7.89 4.43 -3.67
N ALA A 28 -8.67 3.39 -3.40
CA ALA A 28 -9.20 3.15 -2.06
C ALA A 28 -8.24 2.30 -1.24
N CYS A 29 -7.72 1.24 -1.86
CA CYS A 29 -6.79 0.34 -1.20
C CYS A 29 -7.43 -0.30 0.03
N LYS A 30 -7.55 -1.62 0.01
CA LYS A 30 -8.14 -2.36 1.12
C LYS A 30 -7.05 -2.88 2.06
N ASN A 31 -6.26 -3.80 1.56
CA ASN A 31 -5.17 -4.39 2.34
C ASN A 31 -4.38 -5.39 1.51
N CYS A 32 -3.16 -5.69 1.96
CA CYS A 32 -2.31 -6.64 1.26
C CYS A 32 -1.78 -7.71 2.22
N ALA A 33 -1.00 -7.28 3.20
CA ALA A 33 -0.44 -8.20 4.19
C ALA A 33 -1.24 -8.16 5.49
N ALA A 1 2.49 3.38 -21.27
CA ALA A 1 3.62 2.43 -21.22
C ALA A 1 3.86 1.94 -19.80
N ASP A 2 4.25 0.67 -19.68
CA ASP A 2 4.51 0.07 -18.37
C ASP A 2 6.00 0.00 -18.09
N ARG A 3 6.50 0.97 -17.32
CA ARG A 3 7.92 1.02 -16.98
C ARG A 3 8.13 1.80 -15.68
N GLY A 4 8.91 1.22 -14.77
CA GLY A 4 9.19 1.87 -13.51
C GLY A 4 8.97 0.96 -12.32
N TRP A 5 7.96 1.27 -11.51
CA TRP A 5 7.65 0.47 -10.34
C TRP A 5 6.17 0.53 -10.01
N ILE A 6 5.79 -0.01 -8.85
CA ILE A 6 4.40 -0.02 -8.41
C ILE A 6 4.30 0.27 -6.93
N LYS A 7 3.27 1.02 -6.54
CA LYS A 7 3.06 1.37 -5.13
C LYS A 7 1.87 0.62 -4.55
N DBB A 8 2.10 -0.04 -3.42
CA DBB A 8 1.05 -0.80 -2.75
C DBB A 8 0.48 -1.88 -3.67
O DBB A 8 -0.74 -2.01 -3.80
CB DBB A 8 1.59 -1.42 -1.46
CG DBB A 8 0.66 -2.43 -0.82
H DBB A 8 2.99 -0.01 -3.02
HA DBB A 8 0.25 -0.11 -2.50
HB3 DBB A 8 1.79 -0.63 -0.74
HG1 DBB A 8 1.02 -2.68 0.17
HG2 DBB A 8 0.62 -3.31 -1.43
HG3 DBB A 8 -0.33 -2.00 -0.74
N LEU A 9 1.36 -2.63 -4.31
CA LEU A 9 0.94 -3.69 -5.23
C LEU A 9 0.33 -4.87 -4.49
N DBB A 10 0.75 -5.07 -3.24
CA DBB A 10 0.24 -6.18 -2.44
C DBB A 10 1.09 -6.38 -1.18
O DBB A 10 1.41 -5.43 -0.48
CB DBB A 10 -1.23 -5.94 -2.06
CG DBB A 10 -1.93 -7.20 -1.57
H DBB A 10 1.41 -4.46 -2.85
HA DBB A 10 0.31 -7.07 -3.04
HB3 DBB A 10 -1.75 -5.59 -2.95
HG1 DBB A 10 -2.92 -6.96 -1.25
HG2 DBB A 10 -1.38 -7.61 -0.74
HG3 DBB A 10 -1.97 -7.92 -2.37
N LYS A 11 1.45 -7.63 -0.92
CA LYS A 11 2.27 -7.97 0.25
C LYS A 11 3.72 -7.54 0.05
N ASP A 12 4.06 -7.10 -1.16
CA ASP A 12 5.42 -6.66 -1.46
C ASP A 12 5.62 -5.18 -1.12
N CYS A 13 4.86 -4.69 -0.15
CA CYS A 13 4.97 -3.30 0.28
C CYS A 13 5.40 -3.19 1.74
N PRO A 14 6.70 -3.35 2.02
CA PRO A 14 7.24 -3.27 3.37
C PRO A 14 7.45 -1.84 3.84
N ASN A 15 7.47 -0.91 2.89
CA ASN A 15 7.67 0.50 3.20
C ASN A 15 6.47 1.07 3.94
N VAL A 16 5.34 1.17 3.25
CA VAL A 16 4.12 1.70 3.85
C VAL A 16 3.17 0.58 4.27
N ILE A 17 2.98 0.42 5.58
CA ILE A 17 2.11 -0.60 6.10
C ILE A 17 1.45 -0.16 7.40
N SER A 18 0.18 -0.48 7.55
CA SER A 18 -0.59 -0.13 8.75
C SER A 18 -2.08 -0.36 8.52
N SER A 19 -2.57 0.10 7.37
CA SER A 19 -3.98 -0.05 7.03
C SER A 19 -4.25 0.49 5.62
N ILE A 20 -3.70 1.66 5.34
CA ILE A 20 -3.87 2.30 4.04
C ILE A 20 -2.53 2.79 3.51
N CYS A 21 -2.51 3.07 2.23
CA CYS A 21 -1.30 3.56 1.56
C CYS A 21 -1.52 4.96 1.01
N ALA A 22 -2.76 5.25 0.60
CA ALA A 22 -3.11 6.55 0.05
C ALA A 22 -2.35 6.82 -1.25
N GLY A 23 -2.88 7.75 -2.04
CA GLY A 23 -2.24 8.09 -3.31
C GLY A 23 -2.04 9.58 -3.47
N THR A 24 -2.62 10.14 -4.54
CA THR A 24 -2.50 11.57 -4.81
C THR A 24 -3.78 12.12 -5.42
N ILE A 25 -4.88 11.38 -5.29
CA ILE A 25 -6.16 11.80 -5.81
C ILE A 25 -7.30 10.97 -5.20
N ILE A 26 -7.17 9.65 -5.28
CA ILE A 26 -8.16 8.74 -4.74
C ILE A 26 -7.50 7.54 -4.09
N THR A 27 -8.13 7.02 -3.05
CA THR A 27 -7.61 5.86 -2.34
C THR A 27 -7.34 4.70 -3.29
N ALA A 28 -6.09 4.28 -3.35
CA ALA A 28 -5.69 3.18 -4.20
C ALA A 28 -5.06 2.04 -3.39
N CYS A 29 -5.39 1.99 -2.10
CA CYS A 29 -4.85 0.96 -1.22
C CYS A 29 -5.88 0.56 -0.17
N LYS A 30 -6.29 -0.70 -0.20
CA LYS A 30 -7.26 -1.22 0.76
C LYS A 30 -6.57 -1.99 1.86
N ASN A 31 -5.89 -3.06 1.48
CA ASN A 31 -5.18 -3.90 2.43
C ASN A 31 -4.44 -5.02 1.71
N CYS A 32 -3.18 -5.23 2.07
CA CYS A 32 -2.36 -6.27 1.46
C CYS A 32 -1.92 -7.29 2.50
N ALA A 33 -1.15 -6.82 3.49
CA ALA A 33 -0.66 -7.69 4.55
C ALA A 33 -1.67 -7.79 5.68
N ALA A 1 15.25 -1.52 -5.19
CA ALA A 1 15.05 -2.10 -6.55
C ALA A 1 14.79 -1.01 -7.58
N ASP A 2 15.34 -1.19 -8.77
CA ASP A 2 15.18 -0.22 -9.85
C ASP A 2 13.95 -0.54 -10.70
N ARG A 3 13.81 -1.82 -11.05
CA ARG A 3 12.69 -2.26 -11.86
C ARG A 3 11.56 -2.80 -10.99
N GLY A 4 10.54 -1.98 -10.79
CA GLY A 4 9.41 -2.39 -9.96
C GLY A 4 8.53 -1.23 -9.57
N TRP A 5 7.47 -0.98 -10.35
CA TRP A 5 6.55 0.11 -10.08
C TRP A 5 5.29 -0.41 -9.40
N ILE A 6 4.19 0.33 -9.52
CA ILE A 6 2.92 -0.06 -8.92
C ILE A 6 3.00 -0.02 -7.40
N LYS A 7 2.90 1.18 -6.84
CA LYS A 7 2.96 1.36 -5.39
C LYS A 7 1.80 0.63 -4.71
N DBB A 8 2.07 0.04 -3.55
CA DBB A 8 1.06 -0.69 -2.80
C DBB A 8 0.47 -1.82 -3.66
O DBB A 8 -0.74 -1.99 -3.72
CB DBB A 8 1.66 -1.24 -1.51
CG DBB A 8 0.72 -2.15 -0.76
H DBB A 8 2.98 0.10 -3.18
HA DBB A 8 0.26 0.00 -2.56
HB3 DBB A 8 1.90 -0.39 -0.86
HG1 DBB A 8 -0.30 -1.84 -0.93
HG2 DBB A 8 0.94 -2.10 0.29
HG3 DBB A 8 0.85 -3.17 -1.09
N LEU A 9 1.35 -2.56 -4.32
CA LEU A 9 0.93 -3.66 -5.19
C LEU A 9 0.29 -4.80 -4.41
N DBB A 10 0.83 -5.11 -3.25
CA DBB A 10 0.32 -6.20 -2.42
C DBB A 10 1.18 -6.41 -1.18
O DBB A 10 1.61 -5.46 -0.53
CB DBB A 10 -1.15 -5.94 -2.03
CG DBB A 10 -1.72 -7.05 -1.16
H DBB A 10 1.62 -4.60 -2.94
HA DBB A 10 0.35 -7.09 -3.02
HB3 DBB A 10 -1.73 -5.89 -2.93
HG1 DBB A 10 -2.63 -6.70 -0.69
HG2 DBB A 10 -1.01 -7.33 -0.40
HG3 DBB A 10 -1.95 -7.90 -1.78
N LYS A 11 1.46 -7.67 -0.88
CA LYS A 11 2.28 -8.03 0.27
C LYS A 11 3.73 -7.59 0.08
N ASP A 12 4.07 -7.15 -1.13
CA ASP A 12 5.42 -6.70 -1.43
C ASP A 12 5.60 -5.22 -1.12
N CYS A 13 4.82 -4.73 -0.16
CA CYS A 13 4.89 -3.32 0.24
C CYS A 13 5.29 -3.20 1.71
N PRO A 14 6.60 -3.29 2.00
CA PRO A 14 7.12 -3.21 3.36
C PRO A 14 7.49 -1.78 3.77
N ASN A 15 6.73 -0.80 3.27
CA ASN A 15 6.98 0.59 3.59
C ASN A 15 5.95 1.50 2.94
N VAL A 16 6.21 1.92 1.70
CA VAL A 16 5.29 2.79 0.98
C VAL A 16 4.84 3.96 1.84
N ILE A 17 5.64 5.02 1.88
CA ILE A 17 5.32 6.20 2.66
C ILE A 17 5.55 7.47 1.86
N SER A 18 4.58 8.38 1.90
CA SER A 18 4.67 9.64 1.19
C SER A 18 3.40 10.46 1.38
N SER A 19 2.25 9.78 1.37
CA SER A 19 0.97 10.43 1.54
C SER A 19 -0.16 9.41 1.55
N ILE A 20 -0.41 8.82 2.71
CA ILE A 20 -1.46 7.82 2.85
C ILE A 20 -1.22 6.64 1.91
N CYS A 21 0.01 6.19 1.86
CA CYS A 21 0.38 5.08 1.00
C CYS A 21 -0.05 5.32 -0.44
N ALA A 22 -0.28 6.59 -0.78
CA ALA A 22 -0.70 6.96 -2.13
C ALA A 22 -1.98 6.24 -2.53
N GLY A 23 -2.65 6.75 -3.56
CA GLY A 23 -3.88 6.13 -4.03
C GLY A 23 -5.10 6.68 -3.32
N THR A 24 -5.79 5.82 -2.58
CA THR A 24 -6.99 6.23 -1.85
C THR A 24 -6.64 7.02 -0.61
N ILE A 25 -7.59 7.81 -0.13
CA ILE A 25 -7.38 8.64 1.05
C ILE A 25 -8.46 8.37 2.10
N ILE A 26 -8.03 7.93 3.27
CA ILE A 26 -8.95 7.63 4.37
C ILE A 26 -8.40 8.12 5.71
N THR A 27 -7.31 7.49 6.15
CA THR A 27 -6.68 7.86 7.41
C THR A 27 -5.24 7.34 7.46
N ALA A 28 -5.10 6.02 7.53
CA ALA A 28 -3.79 5.40 7.59
C ALA A 28 -3.58 4.45 6.43
N CYS A 29 -4.32 4.68 5.34
CA CYS A 29 -4.22 3.84 4.14
C CYS A 29 -4.55 2.38 4.45
N LYS A 30 -5.29 1.74 3.55
CA LYS A 30 -5.67 0.35 3.72
C LYS A 30 -4.45 -0.56 3.66
N ASN A 31 -3.45 -0.14 2.89
CA ASN A 31 -2.23 -0.92 2.74
C ASN A 31 -2.53 -2.32 2.19
N CYS A 32 -1.52 -3.18 2.21
CA CYS A 32 -1.68 -4.55 1.71
C CYS A 32 -1.41 -5.55 2.83
N ALA A 33 -0.36 -5.30 3.62
CA ALA A 33 0.00 -6.18 4.71
C ALA A 33 -0.96 -6.03 5.89
N ALA A 1 -4.07 4.36 -18.37
CA ALA A 1 -2.69 4.15 -17.88
C ALA A 1 -1.86 5.44 -18.01
N ASP A 2 -2.06 6.37 -17.09
CA ASP A 2 -1.33 7.63 -17.11
C ASP A 2 -0.08 7.56 -16.23
N ARG A 3 -0.30 7.48 -14.92
CA ARG A 3 0.80 7.40 -13.97
C ARG A 3 1.35 5.98 -13.87
N GLY A 4 2.56 5.78 -14.36
CA GLY A 4 3.17 4.46 -14.32
C GLY A 4 3.98 4.24 -13.07
N TRP A 5 3.33 4.36 -11.92
CA TRP A 5 4.00 4.16 -10.64
C TRP A 5 3.47 2.92 -9.93
N ILE A 6 4.39 2.08 -9.45
CA ILE A 6 4.02 0.85 -8.74
C ILE A 6 4.14 1.03 -7.23
N LYS A 7 2.99 1.13 -6.56
CA LYS A 7 2.97 1.29 -5.12
C LYS A 7 1.80 0.53 -4.50
N DBB A 8 2.05 -0.12 -3.36
CA DBB A 8 1.03 -0.90 -2.67
C DBB A 8 0.46 -1.98 -3.59
O DBB A 8 -0.75 -2.22 -3.59
CB DBB A 8 1.59 -1.48 -1.39
CG DBB A 8 0.66 -2.45 -0.69
H DBB A 8 2.96 -0.08 -2.99
HA DBB A 8 0.23 -0.20 -2.41
HB3 DBB A 8 1.83 -0.68 -0.70
HG1 DBB A 8 1.06 -2.69 0.29
HG2 DBB A 8 0.58 -3.35 -1.27
HG3 DBB A 8 -0.32 -1.99 -0.58
N LEU A 9 1.33 -2.62 -4.36
CA LEU A 9 0.90 -3.66 -5.30
C LEU A 9 0.43 -4.93 -4.58
N DBB A 10 0.68 -5.01 -3.28
CA DBB A 10 0.27 -6.19 -2.51
C DBB A 10 1.11 -6.34 -1.23
O DBB A 10 1.45 -5.36 -0.59
CB DBB A 10 -1.22 -6.10 -2.16
CG DBB A 10 -1.73 -7.34 -1.44
H DBB A 10 1.13 -4.27 -2.82
HA DBB A 10 0.43 -7.05 -3.13
HB3 DBB A 10 -1.78 -5.99 -3.08
HG1 DBB A 10 -2.70 -7.13 -1.00
HG2 DBB A 10 -1.04 -7.61 -0.66
HG3 DBB A 10 -1.82 -8.15 -2.14
N LYS A 11 1.42 -7.59 -0.91
CA LYS A 11 2.22 -7.88 0.27
C LYS A 11 3.69 -7.48 0.09
N ASP A 12 4.04 -7.09 -1.14
CA ASP A 12 5.40 -6.67 -1.46
C ASP A 12 5.64 -5.20 -1.11
N CYS A 13 4.90 -4.69 -0.12
CA CYS A 13 5.04 -3.30 0.30
C CYS A 13 5.48 -3.21 1.76
N PRO A 14 6.78 -3.44 2.03
CA PRO A 14 7.34 -3.38 3.37
C PRO A 14 7.93 -2.02 3.72
N ASN A 15 7.53 -0.99 2.97
CA ASN A 15 8.02 0.35 3.21
C ASN A 15 6.89 1.38 3.12
N VAL A 16 6.16 1.54 4.21
CA VAL A 16 5.06 2.49 4.25
C VAL A 16 4.37 2.48 5.62
N ILE A 17 4.60 3.53 6.40
CA ILE A 17 4.02 3.64 7.72
C ILE A 17 4.07 5.09 8.21
N SER A 18 3.19 5.43 9.13
CA SER A 18 3.12 6.77 9.70
C SER A 18 2.32 7.72 8.81
N SER A 19 2.62 7.71 7.51
CA SER A 19 1.93 8.57 6.56
C SER A 19 0.74 7.85 5.92
N ILE A 20 0.20 6.86 6.63
CA ILE A 20 -0.93 6.10 6.12
C ILE A 20 -0.53 5.30 4.88
N CYS A 21 -0.87 4.02 4.87
CA CYS A 21 -0.54 3.13 3.76
C CYS A 21 -1.13 3.67 2.45
N ALA A 22 -2.16 4.50 2.56
CA ALA A 22 -2.80 5.10 1.39
C ALA A 22 -3.68 4.07 0.67
N GLY A 23 -4.86 4.52 0.24
CA GLY A 23 -5.77 3.65 -0.45
C GLY A 23 -7.17 4.23 -0.54
N THR A 24 -7.78 4.49 0.61
CA THR A 24 -9.13 5.05 0.66
C THR A 24 -9.36 5.76 1.99
N ILE A 25 -10.56 6.31 2.15
CA ILE A 25 -10.90 7.03 3.37
C ILE A 25 -11.11 6.06 4.53
N ILE A 26 -10.03 5.38 4.92
CA ILE A 26 -10.09 4.41 6.02
C ILE A 26 -9.49 5.01 7.30
N THR A 27 -9.85 4.42 8.43
CA THR A 27 -9.35 4.88 9.72
C THR A 27 -7.83 5.00 9.73
N ALA A 28 -7.16 3.86 9.56
CA ALA A 28 -5.71 3.84 9.54
C ALA A 28 -5.18 3.71 8.11
N CYS A 29 -5.38 2.55 7.51
CA CYS A 29 -4.93 2.31 6.15
C CYS A 29 -5.40 0.93 5.67
N LYS A 30 -5.71 0.84 4.38
CA LYS A 30 -6.18 -0.41 3.79
C LYS A 30 -5.09 -1.48 3.86
N ASN A 31 -3.87 -1.08 3.53
CA ASN A 31 -2.74 -1.99 3.55
C ASN A 31 -3.00 -3.22 2.67
N CYS A 32 -1.97 -4.03 2.48
CA CYS A 32 -2.07 -5.23 1.65
C CYS A 32 -1.91 -6.49 2.50
N ALA A 33 -2.29 -6.39 3.77
CA ALA A 33 -2.18 -7.52 4.68
C ALA A 33 -3.37 -7.58 5.64
N ALA A 1 12.97 -10.89 -13.82
CA ALA A 1 11.57 -11.24 -13.47
C ALA A 1 10.76 -10.00 -13.13
N ASP A 2 10.71 -9.06 -14.06
CA ASP A 2 9.97 -7.81 -13.87
C ASP A 2 10.51 -7.05 -12.67
N ARG A 3 11.21 -5.94 -12.95
CA ARG A 3 11.79 -5.12 -11.90
C ARG A 3 11.57 -3.64 -12.19
N GLY A 4 10.35 -3.16 -11.96
CA GLY A 4 10.02 -1.77 -12.22
C GLY A 4 10.00 -0.95 -10.94
N TRP A 5 8.88 -1.01 -10.23
CA TRP A 5 8.72 -0.25 -8.98
C TRP A 5 7.37 -0.55 -8.35
N ILE A 6 7.40 -1.04 -7.11
CA ILE A 6 6.19 -1.36 -6.37
C ILE A 6 5.61 -0.11 -5.71
N LYS A 7 4.35 0.18 -6.00
CA LYS A 7 3.68 1.35 -5.43
C LYS A 7 2.43 0.95 -4.66
N DBB A 8 2.52 -0.15 -3.91
CA DBB A 8 1.39 -0.62 -3.12
C DBB A 8 0.69 -1.79 -3.81
O DBB A 8 -0.53 -1.81 -3.94
CB DBB A 8 1.85 -1.03 -1.73
CG DBB A 8 0.72 -1.52 -0.85
H DBB A 8 3.36 -0.65 -3.90
HA DBB A 8 0.69 0.19 -3.03
HB3 DBB A 8 2.30 -0.17 -1.24
HG1 DBB A 8 1.07 -1.70 0.15
HG2 DBB A 8 0.32 -2.44 -1.27
HG3 DBB A 8 -0.06 -0.78 -0.82
N LEU A 9 1.47 -2.76 -4.28
CA LEU A 9 0.92 -3.93 -4.98
C LEU A 9 0.33 -4.96 -4.02
N DBB A 10 0.68 -4.89 -2.74
CA DBB A 10 0.17 -5.85 -1.77
C DBB A 10 1.30 -6.39 -0.88
O DBB A 10 1.94 -5.65 -0.16
CB DBB A 10 -0.95 -5.23 -0.90
CG DBB A 10 -0.45 -4.54 0.36
H DBB A 10 1.31 -4.20 -2.45
HA DBB A 10 -0.26 -6.67 -2.31
HB3 DBB A 10 -1.66 -5.99 -0.62
HG1 DBB A 10 -1.30 -4.15 0.91
HG2 DBB A 10 0.20 -3.71 0.08
HG3 DBB A 10 0.09 -5.24 0.98
N LYS A 11 1.51 -7.70 -0.96
CA LYS A 11 2.55 -8.37 -0.17
C LYS A 11 3.92 -7.72 -0.38
N ASP A 12 4.07 -6.99 -1.48
CA ASP A 12 5.32 -6.32 -1.79
C ASP A 12 5.37 -4.90 -1.23
N CYS A 13 4.63 -4.66 -0.15
CA CYS A 13 4.59 -3.35 0.48
C CYS A 13 4.70 -3.46 2.00
N PRO A 14 5.83 -3.96 2.51
CA PRO A 14 6.04 -4.11 3.95
C PRO A 14 5.97 -2.77 4.69
N ASN A 15 6.21 -1.69 3.95
CA ASN A 15 6.17 -0.35 4.50
C ASN A 15 5.02 0.45 3.94
N VAL A 16 4.56 0.08 2.74
CA VAL A 16 3.46 0.76 2.06
C VAL A 16 3.73 2.25 1.89
N ILE A 17 3.22 2.81 0.79
CA ILE A 17 3.41 4.23 0.50
C ILE A 17 2.06 4.90 0.25
N SER A 18 2.09 6.09 -0.34
CA SER A 18 0.88 6.84 -0.64
C SER A 18 0.14 7.19 0.64
N SER A 19 -1.09 7.70 0.48
CA SER A 19 -1.91 8.09 1.63
C SER A 19 -2.34 6.86 2.43
N ILE A 20 -2.47 5.73 1.75
CA ILE A 20 -2.87 4.49 2.39
C ILE A 20 -2.26 3.28 1.68
N CYS A 21 -2.80 2.10 1.96
CA CYS A 21 -2.32 0.87 1.35
C CYS A 21 -3.28 0.38 0.26
N ALA A 22 -4.38 1.11 0.06
CA ALA A 22 -5.37 0.74 -0.94
C ALA A 22 -5.36 1.72 -2.11
N GLY A 23 -6.39 1.65 -2.94
CA GLY A 23 -6.49 2.54 -4.08
C GLY A 23 -7.41 3.72 -3.82
N THR A 24 -8.69 3.54 -4.10
CA THR A 24 -9.68 4.60 -3.90
C THR A 24 -10.82 4.11 -3.01
N ILE A 25 -10.48 3.58 -1.85
CA ILE A 25 -11.48 3.08 -0.91
C ILE A 25 -11.31 3.70 0.48
N ILE A 26 -10.07 3.77 0.93
CA ILE A 26 -9.75 4.35 2.24
C ILE A 26 -10.58 3.69 3.34
N THR A 27 -10.00 2.67 3.98
CA THR A 27 -10.69 1.96 5.05
C THR A 27 -9.70 1.12 5.87
N ALA A 28 -9.40 -0.09 5.37
CA ALA A 28 -8.48 -0.98 6.05
C ALA A 28 -7.28 -1.34 5.17
N CYS A 29 -7.33 -0.94 3.90
CA CYS A 29 -6.26 -1.21 2.95
C CYS A 29 -5.70 -2.62 3.11
N LYS A 30 -6.58 -3.61 3.02
CA LYS A 30 -6.19 -5.01 3.16
C LYS A 30 -5.94 -5.65 1.80
N ASN A 31 -6.62 -5.13 0.77
CA ASN A 31 -6.48 -5.67 -0.58
C ASN A 31 -5.72 -4.69 -1.47
N CYS A 32 -4.88 -5.22 -2.35
CA CYS A 32 -4.09 -4.41 -3.26
C CYS A 32 -4.51 -4.67 -4.71
N ALA A 33 -4.85 -5.91 -5.01
CA ALA A 33 -5.26 -6.29 -6.35
C ALA A 33 -6.77 -6.56 -6.41
N ALA A 1 -7.48 8.77 -3.26
CA ALA A 1 -6.80 9.83 -4.05
C ALA A 1 -5.52 9.31 -4.70
N ASP A 2 -4.79 10.21 -5.35
CA ASP A 2 -3.54 9.84 -6.02
C ASP A 2 -3.81 8.85 -7.14
N ARG A 3 -3.08 9.00 -8.25
CA ARG A 3 -3.23 8.13 -9.40
C ARG A 3 -2.72 6.73 -9.09
N GLY A 4 -3.08 5.77 -9.94
CA GLY A 4 -2.66 4.40 -9.73
C GLY A 4 -1.17 4.21 -10.00
N TRP A 5 -0.49 3.52 -9.09
CA TRP A 5 0.94 3.28 -9.23
C TRP A 5 1.32 1.94 -8.59
N ILE A 6 2.57 1.54 -8.80
CA ILE A 6 3.06 0.28 -8.24
C ILE A 6 3.08 0.32 -6.71
N LYS A 7 3.02 1.52 -6.15
CA LYS A 7 3.03 1.70 -4.71
C LYS A 7 1.81 1.01 -4.07
N DBB A 8 2.07 -0.08 -3.36
CA DBB A 8 1.01 -0.83 -2.70
C DBB A 8 0.45 -1.90 -3.62
O DBB A 8 -0.77 -2.09 -3.72
CB DBB A 8 1.53 -1.44 -1.39
CG DBB A 8 0.51 -2.32 -0.68
H DBB A 8 2.99 -0.39 -3.27
HA DBB A 8 0.21 -0.13 -2.46
HB3 DBB A 8 1.84 -0.65 -0.72
HG1 DBB A 8 0.93 -2.65 0.26
HG2 DBB A 8 0.28 -3.17 -1.29
HG3 DBB A 8 -0.38 -1.75 -0.50
N LEU A 9 1.34 -2.60 -4.31
CA LEU A 9 0.94 -3.65 -5.26
C LEU A 9 0.51 -4.94 -4.55
N DBB A 10 0.67 -4.99 -3.22
CA DBB A 10 0.28 -6.18 -2.48
C DBB A 10 1.14 -6.35 -1.23
O DBB A 10 1.51 -5.39 -0.57
CB DBB A 10 -1.21 -6.12 -2.12
CG DBB A 10 -2.10 -6.88 -3.06
H DBB A 10 1.04 -4.22 -2.75
HA DBB A 10 0.45 -7.04 -3.12
HB3 DBB A 10 -1.54 -5.09 -2.07
HG1 DBB A 10 -3.13 -6.70 -2.81
HG2 DBB A 10 -1.89 -7.94 -2.96
HG3 DBB A 10 -1.91 -6.57 -4.08
N LYS A 11 1.43 -7.62 -0.90
CA LYS A 11 2.23 -7.94 0.27
C LYS A 11 3.69 -7.53 0.09
N ASP A 12 4.05 -7.12 -1.12
CA ASP A 12 5.42 -6.70 -1.42
C ASP A 12 5.63 -5.23 -1.11
N CYS A 13 4.85 -4.70 -0.16
CA CYS A 13 4.94 -3.30 0.22
C CYS A 13 5.46 -3.15 1.66
N PRO A 14 6.78 -3.07 1.84
CA PRO A 14 7.39 -2.92 3.15
C PRO A 14 7.60 -1.47 3.55
N ASN A 15 7.28 -0.54 2.64
CA ASN A 15 7.44 0.88 2.91
C ASN A 15 6.15 1.46 3.49
N VAL A 16 5.65 0.83 4.55
CA VAL A 16 4.43 1.28 5.21
C VAL A 16 4.35 0.74 6.64
N ILE A 17 5.11 1.36 7.54
CA ILE A 17 5.13 0.96 8.93
C ILE A 17 5.35 2.16 9.85
N SER A 18 4.67 2.14 10.98
CA SER A 18 4.78 3.22 11.97
C SER A 18 3.73 3.05 13.07
N SER A 19 2.49 3.42 12.76
CA SER A 19 1.41 3.32 13.72
C SER A 19 0.23 2.56 13.10
N ILE A 20 -0.39 3.18 12.12
CA ILE A 20 -1.53 2.58 11.44
C ILE A 20 -1.62 3.08 9.99
N CYS A 21 -2.20 2.26 9.13
CA CYS A 21 -2.35 2.61 7.73
C CYS A 21 -3.79 3.02 7.41
N ALA A 22 -4.17 4.20 7.89
CA ALA A 22 -5.51 4.74 7.69
C ALA A 22 -6.03 4.46 6.27
N GLY A 23 -7.10 3.68 6.19
CA GLY A 23 -7.69 3.35 4.90
C GLY A 23 -8.49 2.07 4.94
N THR A 24 -9.74 2.16 5.37
CA THR A 24 -10.62 1.00 5.46
C THR A 24 -10.02 -0.06 6.38
N ILE A 25 -10.15 0.17 7.69
CA ILE A 25 -9.62 -0.76 8.68
C ILE A 25 -10.47 -2.03 8.77
N ILE A 26 -10.19 -2.98 7.90
CA ILE A 26 -10.92 -4.25 7.88
C ILE A 26 -10.38 -5.19 8.95
N THR A 27 -9.07 -5.19 9.12
CA THR A 27 -8.42 -6.04 10.11
C THR A 27 -7.40 -5.24 10.92
N ALA A 28 -6.41 -4.68 10.21
CA ALA A 28 -5.37 -3.88 10.84
C ALA A 28 -5.37 -2.47 10.27
N CYS A 29 -5.24 -2.38 8.95
CA CYS A 29 -5.23 -1.10 8.26
C CYS A 29 -5.46 -1.31 6.76
N LYS A 30 -5.05 -0.34 5.96
CA LYS A 30 -5.22 -0.42 4.51
C LYS A 30 -4.05 -1.17 3.84
N ASN A 31 -3.23 -1.83 4.65
CA ASN A 31 -2.09 -2.57 4.12
C ASN A 31 -2.55 -3.86 3.43
N CYS A 32 -1.69 -4.42 2.60
CA CYS A 32 -2.00 -5.65 1.89
C CYS A 32 -1.87 -6.87 2.80
N ALA A 33 -0.67 -7.06 3.35
CA ALA A 33 -0.41 -8.17 4.25
C ALA A 33 -1.14 -7.99 5.58
N ALA A 1 5.35 12.95 -0.41
CA ALA A 1 5.15 11.48 -0.31
C ALA A 1 5.14 11.02 1.15
N ASP A 2 4.29 10.02 1.43
CA ASP A 2 4.17 9.49 2.78
C ASP A 2 4.65 8.05 2.84
N ARG A 3 5.90 7.83 2.44
CA ARG A 3 6.48 6.49 2.44
C ARG A 3 5.69 5.55 1.53
N GLY A 4 6.23 5.27 0.35
CA GLY A 4 5.57 4.39 -0.58
C GLY A 4 5.32 5.04 -1.93
N TRP A 5 5.70 4.36 -3.00
CA TRP A 5 5.52 4.87 -4.35
C TRP A 5 4.85 3.84 -5.25
N ILE A 6 5.35 2.61 -5.20
CA ILE A 6 4.80 1.52 -6.01
C ILE A 6 3.27 1.49 -5.99
N LYS A 7 2.69 2.11 -4.97
CA LYS A 7 1.23 2.18 -4.83
C LYS A 7 0.68 0.92 -4.17
N DBB A 8 1.44 0.37 -3.23
CA DBB A 8 1.03 -0.84 -2.51
C DBB A 8 0.69 -1.97 -3.48
O DBB A 8 -0.48 -2.31 -3.69
CB DBB A 8 2.12 -1.27 -1.54
CG DBB A 8 2.48 -0.20 -0.53
H DBB A 8 2.30 0.79 -3.01
HA DBB A 8 0.13 -0.59 -1.96
HB3 DBB A 8 3.00 -1.54 -2.09
HG1 DBB A 8 3.44 -0.43 -0.09
HG2 DBB A 8 1.72 -0.16 0.24
HG3 DBB A 8 2.53 0.75 -1.03
N LEU A 9 1.73 -2.56 -4.09
CA LEU A 9 1.53 -3.65 -5.04
C LEU A 9 0.80 -4.82 -4.40
N DBB A 10 0.98 -4.98 -3.09
CA DBB A 10 0.32 -6.07 -2.37
C DBB A 10 1.12 -6.43 -1.12
O DBB A 10 1.50 -5.57 -0.34
CB DBB A 10 -1.10 -5.68 -2.00
CG DBB A 10 -1.89 -6.82 -1.38
H DBB A 10 1.56 -4.36 -2.61
HA DBB A 10 0.29 -6.93 -3.02
HB3 DBB A 10 -1.62 -5.38 -2.90
HG1 DBB A 10 -2.83 -6.45 -0.98
HG2 DBB A 10 -1.32 -7.27 -0.58
HG3 DBB A 10 -2.09 -7.57 -2.12
N LYS A 11 1.38 -7.73 -0.94
CA LYS A 11 2.12 -8.21 0.21
C LYS A 11 3.58 -7.73 0.16
N ASP A 12 4.02 -7.30 -1.02
CA ASP A 12 5.39 -6.83 -1.18
C ASP A 12 5.47 -5.30 -1.02
N CYS A 13 4.44 -4.71 -0.42
CA CYS A 13 4.40 -3.27 -0.21
C CYS A 13 5.63 -2.81 0.57
N PRO A 14 6.57 -2.09 -0.08
CA PRO A 14 7.78 -1.61 0.58
C PRO A 14 7.48 -0.63 1.71
N ASN A 15 6.25 -0.11 1.72
CA ASN A 15 5.83 0.83 2.74
C ASN A 15 4.37 1.23 2.53
N VAL A 16 3.63 1.30 3.62
CA VAL A 16 2.22 1.67 3.56
C VAL A 16 1.84 2.57 4.73
N ILE A 17 2.54 3.69 4.85
CA ILE A 17 2.27 4.65 5.92
C ILE A 17 2.52 4.03 7.29
N SER A 18 3.03 4.84 8.22
CA SER A 18 3.33 4.37 9.57
C SER A 18 2.09 4.47 10.45
N SER A 19 1.36 5.58 10.32
CA SER A 19 0.16 5.80 11.10
C SER A 19 -1.00 4.96 10.55
N ILE A 20 -0.88 3.66 10.72
CA ILE A 20 -1.90 2.73 10.25
C ILE A 20 -1.95 2.72 8.73
N CYS A 21 -2.47 1.64 8.18
CA CYS A 21 -2.60 1.49 6.72
C CYS A 21 -3.83 2.22 6.20
N ALA A 22 -4.54 2.93 7.08
CA ALA A 22 -5.74 3.67 6.70
C ALA A 22 -6.46 4.22 7.91
N GLY A 23 -7.64 4.79 7.70
CA GLY A 23 -8.41 5.35 8.79
C GLY A 23 -9.57 4.46 9.21
N THR A 24 -9.48 3.88 10.39
CA THR A 24 -10.52 3.01 10.90
C THR A 24 -10.61 3.08 12.41
N ILE A 25 -11.63 2.44 12.98
CA ILE A 25 -11.83 2.45 14.42
C ILE A 25 -10.73 1.66 15.12
N ILE A 26 -10.53 0.41 14.71
CA ILE A 26 -9.51 -0.45 15.29
C ILE A 26 -8.16 -0.22 14.62
N THR A 27 -7.11 -0.10 15.43
CA THR A 27 -5.76 0.11 14.92
C THR A 27 -5.17 -1.19 14.36
N ALA A 28 -5.81 -1.72 13.33
CA ALA A 28 -5.36 -2.96 12.71
C ALA A 28 -5.03 -2.76 11.22
N CYS A 29 -5.80 -1.88 10.58
CA CYS A 29 -5.60 -1.59 9.16
C CYS A 29 -5.81 -2.84 8.31
N LYS A 30 -6.44 -2.66 7.15
CA LYS A 30 -6.70 -3.77 6.24
C LYS A 30 -5.40 -4.28 5.62
N ASN A 31 -4.46 -3.36 5.42
CA ASN A 31 -3.16 -3.70 4.84
C ASN A 31 -3.33 -4.44 3.52
N CYS A 32 -2.21 -4.72 2.86
CA CYS A 32 -2.23 -5.42 1.58
C CYS A 32 -2.38 -6.93 1.80
N ALA A 33 -1.70 -7.44 2.82
CA ALA A 33 -1.76 -8.87 3.14
C ALA A 33 -2.97 -9.18 4.00
N ALA A 1 5.92 -1.89 -20.34
CA ALA A 1 5.96 -0.66 -21.17
C ALA A 1 5.34 0.53 -20.43
N ASP A 2 4.09 0.35 -20.00
CA ASP A 2 3.38 1.41 -19.28
C ASP A 2 3.47 1.19 -17.77
N ARG A 3 2.71 1.97 -17.01
CA ARG A 3 2.70 1.85 -15.56
C ARG A 3 4.06 2.25 -14.98
N GLY A 4 4.11 3.41 -14.33
CA GLY A 4 5.34 3.89 -13.75
C GLY A 4 5.23 4.12 -12.25
N TRP A 5 4.16 4.79 -11.84
CA TRP A 5 3.93 5.07 -10.43
C TRP A 5 3.12 3.96 -9.78
N ILE A 6 3.66 3.38 -8.72
CA ILE A 6 2.99 2.30 -8.00
C ILE A 6 2.66 2.71 -6.57
N LYS A 7 1.62 2.11 -6.01
CA LYS A 7 1.20 2.42 -4.64
C LYS A 7 0.60 1.18 -3.97
N DBB A 8 1.43 0.46 -3.23
CA DBB A 8 0.98 -0.75 -2.53
C DBB A 8 0.69 -1.87 -3.51
O DBB A 8 -0.47 -2.15 -3.83
CB DBB A 8 2.03 -1.18 -1.51
CG DBB A 8 2.25 -0.17 -0.40
H DBB A 8 2.37 0.73 -3.15
HA DBB A 8 0.07 -0.49 -2.00
HB3 DBB A 8 2.98 -1.36 -2.01
HG1 DBB A 8 3.19 -0.37 0.09
HG2 DBB A 8 1.44 -0.21 0.30
HG3 DBB A 8 2.29 0.82 -0.84
N LEU A 9 1.74 -2.52 -4.01
CA LEU A 9 1.57 -3.62 -4.96
C LEU A 9 0.75 -4.75 -4.35
N DBB A 10 1.05 -5.06 -3.10
CA DBB A 10 0.35 -6.13 -2.39
C DBB A 10 1.09 -6.49 -1.12
O DBB A 10 1.36 -5.63 -0.28
CB DBB A 10 -1.10 -5.71 -2.10
CG DBB A 10 -1.94 -6.86 -1.56
H DBB A 10 1.74 -4.56 -2.64
HA DBB A 10 0.33 -6.98 -3.05
HB3 DBB A 10 -1.55 -5.36 -3.02
HG1 DBB A 10 -2.87 -6.46 -1.16
HG2 DBB A 10 -1.40 -7.37 -0.78
HG3 DBB A 10 -2.16 -7.54 -2.36
N LYS A 11 1.41 -7.77 -0.97
CA LYS A 11 2.12 -8.25 0.21
C LYS A 11 3.56 -7.75 0.23
N ASP A 12 4.08 -7.38 -0.95
CA ASP A 12 5.44 -6.88 -1.06
C ASP A 12 5.46 -5.35 -1.05
N CYS A 13 4.46 -4.75 -0.41
CA CYS A 13 4.36 -3.30 -0.32
C CYS A 13 5.59 -2.71 0.34
N PRO A 14 6.08 -1.54 -0.14
CA PRO A 14 7.26 -0.88 0.41
C PRO A 14 6.96 -0.10 1.69
N ASN A 15 6.26 -0.71 2.62
CA ASN A 15 5.92 -0.07 3.88
C ASN A 15 5.02 1.14 3.65
N VAL A 16 4.00 1.26 4.49
CA VAL A 16 3.06 2.38 4.38
C VAL A 16 1.97 2.26 5.46
N ILE A 17 2.30 2.67 6.68
CA ILE A 17 1.36 2.61 7.79
C ILE A 17 1.45 3.86 8.67
N SER A 18 2.12 4.90 8.16
CA SER A 18 2.27 6.13 8.90
C SER A 18 1.30 7.20 8.39
N SER A 19 1.64 7.78 7.23
CA SER A 19 0.79 8.80 6.62
C SER A 19 -0.31 8.15 5.79
N ILE A 20 -0.06 6.93 5.32
CA ILE A 20 -1.03 6.21 4.52
C ILE A 20 -1.33 6.94 3.21
N CYS A 21 -1.43 6.17 2.13
CA CYS A 21 -1.71 6.74 0.81
C CYS A 21 -2.99 7.57 0.83
N ALA A 22 -4.02 7.03 1.45
CA ALA A 22 -5.30 7.70 1.55
C ALA A 22 -5.19 8.96 2.41
N GLY A 23 -6.35 9.49 2.81
CA GLY A 23 -6.36 10.68 3.63
C GLY A 23 -6.81 10.39 5.05
N THR A 24 -6.29 9.31 5.63
CA THR A 24 -6.64 8.93 6.99
C THR A 24 -8.15 8.75 7.13
N ILE A 25 -8.62 7.54 6.90
CA ILE A 25 -10.05 7.24 7.00
C ILE A 25 -10.28 5.95 7.79
N ILE A 26 -9.86 4.83 7.23
CA ILE A 26 -10.02 3.54 7.87
C ILE A 26 -8.86 2.60 7.53
N THR A 27 -8.88 2.06 6.33
CA THR A 27 -7.83 1.15 5.89
C THR A 27 -7.77 1.06 4.37
N ALA A 28 -6.88 1.84 3.77
CA ALA A 28 -6.74 1.85 2.33
C ALA A 28 -5.31 1.47 1.91
N CYS A 29 -4.34 1.98 2.65
CA CYS A 29 -2.93 1.70 2.35
C CYS A 29 -2.19 1.22 3.60
N LYS A 30 -2.94 0.85 4.64
CA LYS A 30 -2.35 0.38 5.88
C LYS A 30 -1.88 -1.07 5.74
N ASN A 31 -2.57 -1.82 4.89
CA ASN A 31 -2.24 -3.22 4.67
C ASN A 31 -2.51 -3.62 3.22
N CYS A 32 -2.15 -4.85 2.88
CA CYS A 32 -2.36 -5.36 1.53
C CYS A 32 -2.84 -6.80 1.55
N ALA A 33 -1.98 -7.69 2.07
CA ALA A 33 -2.31 -9.11 2.16
C ALA A 33 -2.47 -9.71 0.76
N ALA A 1 -0.95 10.62 -16.92
CA ALA A 1 -0.59 10.31 -18.33
C ALA A 1 -0.16 8.86 -18.48
N ASP A 2 0.74 8.42 -17.62
CA ASP A 2 1.23 7.04 -17.65
C ASP A 2 1.43 6.50 -16.24
N ARG A 3 1.99 5.31 -16.14
CA ARG A 3 2.24 4.68 -14.84
C ARG A 3 3.56 3.92 -14.85
N GLY A 4 3.99 3.49 -13.66
CA GLY A 4 5.24 2.76 -13.56
C GLY A 4 5.25 1.83 -12.35
N TRP A 5 5.83 2.33 -11.25
CA TRP A 5 5.91 1.54 -10.02
C TRP A 5 4.58 1.56 -9.28
N ILE A 6 4.55 0.91 -8.11
CA ILE A 6 3.35 0.86 -7.29
C ILE A 6 3.68 0.99 -5.81
N LYS A 7 2.92 1.82 -5.11
CA LYS A 7 3.13 2.02 -3.68
C LYS A 7 2.16 1.19 -2.86
N DBB A 8 1.83 0.00 -3.37
CA DBB A 8 0.90 -0.89 -2.69
C DBB A 8 0.50 -2.04 -3.60
O DBB A 8 -0.67 -2.42 -3.66
CB DBB A 8 1.54 -1.43 -1.41
CG DBB A 8 0.65 -2.42 -0.66
H DBB A 8 2.21 -0.27 -4.23
HA DBB A 8 0.02 -0.32 -2.43
HB3 DBB A 8 1.76 -0.60 -0.75
HG1 DBB A 8 1.07 -2.61 0.32
HG2 DBB A 8 0.61 -3.34 -1.22
HG3 DBB A 8 -0.34 -2.01 -0.56
N LEU A 9 1.47 -2.60 -4.31
CA LEU A 9 1.22 -3.70 -5.22
C LEU A 9 0.54 -4.87 -4.51
N DBB A 10 0.78 -5.00 -3.21
CA DBB A 10 0.19 -6.07 -2.42
C DBB A 10 1.00 -6.33 -1.15
O DBB A 10 1.27 -5.42 -0.37
CB DBB A 10 -1.27 -5.72 -2.08
CG DBB A 10 -2.15 -6.95 -1.96
H DBB A 10 1.38 -4.34 -2.77
HA DBB A 10 0.21 -6.97 -3.02
HB3 DBB A 10 -1.66 -5.12 -2.90
HG1 DBB A 10 -3.11 -6.66 -1.56
HG2 DBB A 10 -1.68 -7.66 -1.29
HG3 DBB A 10 -2.29 -7.40 -2.93
N LYS A 11 1.40 -7.58 -0.95
CA LYS A 11 2.19 -7.97 0.21
C LYS A 11 3.67 -7.58 0.05
N ASP A 12 4.03 -7.11 -1.15
CA ASP A 12 5.40 -6.71 -1.42
C ASP A 12 5.63 -5.23 -1.11
N CYS A 13 4.85 -4.69 -0.18
CA CYS A 13 4.99 -3.29 0.21
C CYS A 13 5.50 -3.16 1.64
N PRO A 14 6.83 -2.98 1.81
CA PRO A 14 7.44 -2.86 3.13
C PRO A 14 7.10 -1.54 3.82
N ASN A 15 6.67 -0.56 3.04
CA ASN A 15 6.31 0.74 3.60
C ASN A 15 4.81 0.99 3.46
N VAL A 16 4.38 1.46 2.30
CA VAL A 16 2.97 1.75 2.04
C VAL A 16 2.31 2.45 3.22
N ILE A 17 2.84 3.62 3.58
CA ILE A 17 2.30 4.39 4.68
C ILE A 17 2.08 5.84 4.29
N SER A 18 0.91 6.35 4.61
CA SER A 18 0.53 7.73 4.31
C SER A 18 -0.94 7.97 4.62
N SER A 19 -1.82 7.45 3.76
CA SER A 19 -3.25 7.60 3.94
C SER A 19 -3.96 6.28 3.62
N ILE A 20 -3.96 5.37 4.58
CA ILE A 20 -4.59 4.07 4.39
C ILE A 20 -3.79 3.22 3.40
N CYS A 21 -3.97 1.91 3.48
CA CYS A 21 -3.27 0.98 2.60
C CYS A 21 -4.24 0.29 1.64
N ALA A 22 -5.51 0.21 2.03
CA ALA A 22 -6.52 -0.44 1.22
C ALA A 22 -7.26 0.59 0.37
N GLY A 23 -8.32 0.14 -0.31
CA GLY A 23 -9.10 1.02 -1.14
C GLY A 23 -10.55 1.10 -0.70
N THR A 24 -10.76 1.40 0.59
CA THR A 24 -12.11 1.51 1.13
C THR A 24 -12.14 2.49 2.30
N ILE A 25 -13.33 2.98 2.62
CA ILE A 25 -13.50 3.92 3.72
C ILE A 25 -14.08 3.24 4.95
N ILE A 26 -13.81 1.95 5.09
CA ILE A 26 -14.32 1.18 6.22
C ILE A 26 -13.36 0.06 6.60
N THR A 27 -12.06 0.38 6.65
CA THR A 27 -11.05 -0.60 6.99
C THR A 27 -9.76 0.08 7.47
N ALA A 28 -8.88 -0.71 8.07
CA ALA A 28 -7.61 -0.19 8.57
C ALA A 28 -6.42 -0.89 7.89
N CYS A 29 -6.67 -1.42 6.69
CA CYS A 29 -5.65 -2.11 5.92
C CYS A 29 -4.75 -2.97 6.80
N LYS A 30 -5.29 -4.07 7.30
CA LYS A 30 -4.53 -4.97 8.16
C LYS A 30 -3.56 -5.81 7.33
N ASN A 31 -3.94 -6.09 6.10
CA ASN A 31 -3.11 -6.87 5.18
C ASN A 31 -3.47 -6.58 3.74
N CYS A 32 -2.47 -6.64 2.85
CA CYS A 32 -2.70 -6.38 1.43
C CYS A 32 -3.38 -7.57 0.77
N ALA A 33 -2.83 -8.77 1.00
CA ALA A 33 -3.39 -9.99 0.41
C ALA A 33 -4.87 -10.13 0.76
N ALA A 1 11.80 5.86 -18.40
CA ALA A 1 11.02 4.80 -17.72
C ALA A 1 10.19 5.38 -16.57
N ASP A 2 8.88 5.23 -16.66
CA ASP A 2 7.98 5.74 -15.63
C ASP A 2 6.98 4.66 -15.20
N ARG A 3 6.30 4.08 -16.18
CA ARG A 3 5.32 3.03 -15.91
C ARG A 3 4.28 3.50 -14.90
N GLY A 4 4.01 4.80 -14.90
CA GLY A 4 3.03 5.35 -13.98
C GLY A 4 3.42 5.14 -12.53
N TRP A 5 2.62 5.68 -11.61
CA TRP A 5 2.88 5.54 -10.19
C TRP A 5 2.05 4.40 -9.59
N ILE A 6 2.61 3.74 -8.58
CA ILE A 6 1.93 2.64 -7.92
C ILE A 6 2.01 2.77 -6.40
N LYS A 7 0.92 2.44 -5.72
CA LYS A 7 0.87 2.52 -4.27
C LYS A 7 0.40 1.21 -3.66
N DBB A 8 1.32 0.47 -3.05
CA DBB A 8 1.00 -0.80 -2.43
C DBB A 8 0.70 -1.86 -3.50
O DBB A 8 -0.45 -2.02 -3.92
CB DBB A 8 2.14 -1.24 -1.51
CG DBB A 8 2.57 -0.17 -0.54
H DBB A 8 2.25 0.80 -3.02
HA DBB A 8 0.11 -0.66 -1.84
HB3 DBB A 8 2.99 -1.54 -2.10
HG1 DBB A 8 3.53 -0.41 -0.12
HG2 DBB A 8 1.84 -0.07 0.26
HG3 DBB A 8 2.64 0.79 -1.07
N LEU A 9 1.73 -2.59 -3.95
CA LEU A 9 1.55 -3.60 -4.99
C LEU A 9 1.29 -4.98 -4.39
N DBB A 10 0.66 -5.02 -3.22
CA DBB A 10 0.36 -6.30 -2.57
C DBB A 10 1.15 -6.46 -1.28
O DBB A 10 1.65 -5.48 -0.70
CB DBB A 10 -1.16 -6.42 -2.30
CG DBB A 10 -1.51 -7.18 -1.03
H DBB A 10 0.40 -4.18 -2.79
HA DBB A 10 0.65 -7.08 -3.25
HB3 DBB A 10 -1.61 -6.93 -3.13
HG1 DBB A 10 -1.13 -8.18 -1.09
HG2 DBB A 10 -2.58 -7.20 -0.91
HG3 DBB A 10 -1.07 -6.68 -0.18
N LYS A 11 1.30 -7.70 -0.83
CA LYS A 11 2.05 -8.01 0.39
C LYS A 11 3.50 -7.56 0.28
N ASP A 12 3.96 -7.32 -0.94
CA ASP A 12 5.34 -6.89 -1.17
C ASP A 12 5.48 -5.37 -1.02
N CYS A 13 4.44 -4.72 -0.51
CA CYS A 13 4.47 -3.26 -0.32
C CYS A 13 5.78 -2.82 0.34
N PRO A 14 6.73 -2.30 -0.45
CA PRO A 14 8.02 -1.84 0.07
C PRO A 14 7.90 -0.53 0.87
N ASN A 15 6.72 0.07 0.84
CA ASN A 15 6.49 1.33 1.54
C ASN A 15 5.95 1.07 2.95
N VAL A 16 4.93 0.24 3.06
CA VAL A 16 4.33 -0.08 4.34
C VAL A 16 4.78 -1.45 4.85
N ILE A 17 5.37 -1.46 6.04
CA ILE A 17 5.86 -2.70 6.65
C ILE A 17 5.37 -2.81 8.09
N SER A 18 6.02 -3.67 8.87
CA SER A 18 5.67 -3.87 10.27
C SER A 18 4.40 -4.70 10.40
N SER A 19 3.89 -4.81 11.62
CA SER A 19 2.68 -5.58 11.90
C SER A 19 1.48 -4.99 11.16
N ILE A 20 1.47 -3.67 11.01
CA ILE A 20 0.37 -3.00 10.34
C ILE A 20 0.88 -1.78 9.55
N CYS A 21 -0.05 -0.99 9.05
CA CYS A 21 0.29 0.20 8.28
C CYS A 21 -0.18 1.46 9.00
N ALA A 22 -1.36 1.39 9.58
CA ALA A 22 -1.95 2.52 10.30
C ALA A 22 -3.32 2.17 10.85
N GLY A 23 -4.07 3.19 11.27
CA GLY A 23 -5.40 2.97 11.80
C GLY A 23 -6.31 2.27 10.82
N THR A 24 -6.80 1.10 11.19
CA THR A 24 -7.69 0.33 10.33
C THR A 24 -8.45 -0.73 11.13
N ILE A 25 -8.98 -1.74 10.44
CA ILE A 25 -9.73 -2.80 11.09
C ILE A 25 -8.91 -3.44 12.21
N ILE A 26 -7.81 -4.08 11.86
CA ILE A 26 -6.96 -4.74 12.84
C ILE A 26 -5.50 -4.76 12.39
N THR A 27 -5.14 -5.72 11.54
CA THR A 27 -3.78 -5.84 11.05
C THR A 27 -3.71 -5.70 9.53
N ALA A 28 -4.83 -5.95 8.86
CA ALA A 28 -4.90 -5.85 7.40
C ALA A 28 -4.34 -4.51 6.91
N CYS A 29 -4.63 -3.45 7.65
CA CYS A 29 -4.16 -2.11 7.30
C CYS A 29 -4.72 -1.67 5.94
N LYS A 30 -5.08 -0.40 5.84
CA LYS A 30 -5.64 0.15 4.60
C LYS A 30 -4.81 -0.24 3.39
N ASN A 31 -3.51 -0.38 3.59
CA ASN A 31 -2.61 -0.75 2.50
C ASN A 31 -2.70 -2.24 2.20
N CYS A 32 -2.17 -2.63 1.04
CA CYS A 32 -2.17 -4.02 0.61
C CYS A 32 -1.75 -4.96 1.76
N ALA A 33 -0.62 -4.65 2.39
CA ALA A 33 -0.12 -5.46 3.49
C ALA A 33 1.21 -4.91 4.00
N ALA A 1 14.50 -1.35 -18.83
CA ALA A 1 14.17 -1.13 -20.26
C ALA A 1 13.31 0.13 -20.43
N ASP A 2 12.05 0.03 -20.03
CA ASP A 2 11.12 1.16 -20.14
C ASP A 2 10.79 1.72 -18.76
N ARG A 3 10.76 3.05 -18.67
CA ARG A 3 10.46 3.72 -17.40
C ARG A 3 9.08 3.33 -16.91
N GLY A 4 9.03 2.57 -15.82
CA GLY A 4 7.77 2.14 -15.26
C GLY A 4 7.93 1.17 -14.11
N TRP A 5 7.16 1.39 -13.04
CA TRP A 5 7.22 0.53 -11.87
C TRP A 5 5.87 0.51 -11.14
N ILE A 6 5.74 -0.42 -10.20
CA ILE A 6 4.50 -0.54 -9.44
C ILE A 6 4.78 -0.55 -7.93
N LYS A 7 4.08 0.31 -7.20
CA LYS A 7 4.24 0.39 -5.75
C LYS A 7 2.89 0.26 -5.04
N DBB A 8 2.87 -0.49 -3.95
CA DBB A 8 1.64 -0.68 -3.20
C DBB A 8 0.76 -1.74 -3.86
O DBB A 8 -0.45 -1.54 -4.04
CB DBB A 8 1.95 -1.08 -1.75
CG DBB A 8 0.72 -1.42 -0.94
H DBB A 8 3.69 -0.92 -3.65
HA DBB A 8 1.11 0.25 -3.20
HB3 DBB A 8 2.47 -0.26 -1.27
HG1 DBB A 8 1.01 -1.67 0.07
HG2 DBB A 8 0.22 -2.26 -1.39
HG3 DBB A 8 0.06 -0.57 -0.92
N LEU A 9 1.37 -2.86 -4.26
CA LEU A 9 0.65 -3.93 -4.93
C LEU A 9 0.17 -5.01 -3.96
N DBB A 10 0.54 -4.90 -2.69
CA DBB A 10 0.11 -5.88 -1.69
C DBB A 10 1.30 -6.40 -0.87
O DBB A 10 1.95 -5.65 -0.14
CB DBB A 10 -0.96 -5.28 -0.76
CG DBB A 10 -0.41 -4.44 0.37
H DBB A 10 1.09 -4.14 -2.41
HA DBB A 10 -0.33 -6.71 -2.22
HB3 DBB A 10 -1.55 -6.09 -0.33
HG1 DBB A 10 -1.23 -4.02 0.94
HG2 DBB A 10 0.20 -3.65 -0.03
HG3 DBB A 10 0.19 -5.05 1.03
N LYS A 11 1.56 -7.69 -1.01
CA LYS A 11 2.66 -8.35 -0.29
C LYS A 11 3.99 -7.63 -0.51
N ASP A 12 4.09 -6.85 -1.58
CA ASP A 12 5.32 -6.13 -1.88
C ASP A 12 5.33 -4.75 -1.21
N CYS A 13 4.62 -4.62 -0.10
CA CYS A 13 4.55 -3.35 0.62
C CYS A 13 4.57 -3.57 2.13
N PRO A 14 5.71 -3.28 2.80
CA PRO A 14 5.86 -3.46 4.24
C PRO A 14 4.88 -2.60 5.05
N ASN A 15 4.26 -1.63 4.40
CA ASN A 15 3.31 -0.76 5.06
C ASN A 15 1.92 -1.41 5.12
N VAL A 16 0.87 -0.60 5.01
CA VAL A 16 -0.49 -1.12 5.05
C VAL A 16 -0.70 -2.01 6.27
N ILE A 17 -0.79 -1.38 7.44
CA ILE A 17 -0.98 -2.11 8.69
C ILE A 17 -2.15 -1.51 9.49
N SER A 18 -3.08 -2.38 9.89
CA SER A 18 -4.24 -1.94 10.65
C SER A 18 -5.10 -0.97 9.85
N SER A 19 -4.98 -1.03 8.54
CA SER A 19 -5.75 -0.15 7.65
C SER A 19 -6.34 -0.93 6.48
N ILE A 20 -6.51 -2.24 6.68
CA ILE A 20 -7.06 -3.11 5.65
C ILE A 20 -6.15 -3.15 4.43
N CYS A 21 -5.88 -4.36 3.95
CA CYS A 21 -5.02 -4.56 2.79
C CYS A 21 -5.77 -4.27 1.48
N ALA A 22 -7.08 -4.00 1.60
CA ALA A 22 -7.91 -3.68 0.44
C ALA A 22 -8.24 -4.92 -0.37
N GLY A 23 -9.42 -5.49 -0.11
CA GLY A 23 -9.84 -6.67 -0.82
C GLY A 23 -10.91 -7.46 -0.07
N THR A 24 -12.12 -6.92 -0.05
CA THR A 24 -13.22 -7.58 0.64
C THR A 24 -12.93 -7.74 2.13
N ILE A 25 -13.97 -7.89 2.93
CA ILE A 25 -13.81 -8.06 4.37
C ILE A 25 -13.94 -9.52 4.78
N ILE A 26 -13.41 -10.40 3.93
CA ILE A 26 -13.46 -11.84 4.20
C ILE A 26 -12.36 -12.25 5.16
N THR A 27 -11.15 -11.75 4.94
CA THR A 27 -10.01 -12.07 5.79
C THR A 27 -9.01 -10.91 5.82
N ALA A 28 -8.23 -10.78 4.76
CA ALA A 28 -7.24 -9.72 4.67
C ALA A 28 -7.50 -8.82 3.46
N CYS A 29 -7.28 -9.38 2.27
CA CYS A 29 -7.48 -8.64 1.03
C CYS A 29 -7.38 -9.57 -0.17
N LYS A 30 -8.47 -9.69 -0.92
CA LYS A 30 -8.49 -10.54 -2.11
C LYS A 30 -7.50 -10.05 -3.16
N ASN A 31 -7.24 -8.74 -3.14
CA ASN A 31 -6.31 -8.13 -4.09
C ASN A 31 -5.98 -6.70 -3.68
N CYS A 32 -4.69 -6.44 -3.44
CA CYS A 32 -4.24 -5.11 -3.05
C CYS A 32 -4.70 -4.05 -4.05
N ALA A 33 -4.49 -4.33 -5.33
CA ALA A 33 -4.89 -3.40 -6.38
C ALA A 33 -5.81 -4.08 -7.39
N ALA A 1 7.60 11.54 -17.05
CA ALA A 1 7.96 11.38 -15.62
C ALA A 1 6.90 10.57 -14.88
N ASP A 2 5.64 10.75 -15.27
CA ASP A 2 4.53 10.05 -14.65
C ASP A 2 4.12 8.83 -15.48
N ARG A 3 4.89 7.75 -15.34
CA ARG A 3 4.61 6.52 -16.07
C ARG A 3 3.86 5.52 -15.21
N GLY A 4 4.12 5.57 -13.90
CA GLY A 4 3.47 4.66 -12.98
C GLY A 4 4.44 3.96 -12.06
N TRP A 5 4.81 4.63 -10.96
CA TRP A 5 5.74 4.06 -10.00
C TRP A 5 5.13 2.85 -9.30
N ILE A 6 3.80 2.81 -9.23
CA ILE A 6 3.09 1.71 -8.58
C ILE A 6 3.35 1.70 -7.08
N LYS A 7 2.28 1.81 -6.31
CA LYS A 7 2.39 1.80 -4.85
C LYS A 7 1.33 0.90 -4.23
N DBB A 8 1.75 0.08 -3.28
CA DBB A 8 0.84 -0.83 -2.61
C DBB A 8 0.36 -1.92 -3.56
O DBB A 8 -0.83 -2.24 -3.62
CB DBB A 8 1.51 -1.44 -1.39
CG DBB A 8 0.62 -2.42 -0.65
H DBB A 8 2.69 0.08 -3.02
HA DBB A 8 -0.02 -0.27 -2.28
HB3 DBB A 8 1.77 -0.65 -0.69
HG1 DBB A 8 -0.39 -2.04 -0.61
HG2 DBB A 8 0.99 -2.56 0.35
HG3 DBB A 8 0.63 -3.37 -1.17
N LEU A 9 1.29 -2.49 -4.33
CA LEU A 9 0.96 -3.52 -5.31
C LEU A 9 0.46 -4.80 -4.64
N DBB A 10 0.88 -5.04 -3.40
CA DBB A 10 0.48 -6.25 -2.69
C DBB A 10 1.19 -6.36 -1.35
O DBB A 10 1.52 -5.35 -0.72
CB DBB A 10 -1.05 -6.27 -2.50
CG DBB A 10 -1.54 -7.39 -1.61
H DBB A 10 1.49 -4.40 -2.97
HA DBB A 10 0.76 -7.09 -3.29
HB3 DBB A 10 -1.51 -6.39 -3.47
HG1 DBB A 10 -2.59 -7.26 -1.41
HG2 DBB A 10 -1.00 -7.36 -0.67
HG3 DBB A 10 -1.37 -8.33 -2.09
N LYS A 11 1.42 -7.60 -0.91
CA LYS A 11 2.09 -7.85 0.36
C LYS A 11 3.58 -7.54 0.28
N ASP A 12 4.06 -7.24 -0.92
CA ASP A 12 5.47 -6.92 -1.13
C ASP A 12 5.73 -5.42 -0.97
N CYS A 13 4.88 -4.76 -0.19
CA CYS A 13 5.02 -3.32 0.04
C CYS A 13 5.65 -3.05 1.42
N PRO A 14 6.94 -2.67 1.45
CA PRO A 14 7.65 -2.39 2.69
C PRO A 14 7.29 -1.02 3.26
N ASN A 15 6.00 -0.80 3.48
CA ASN A 15 5.53 0.47 4.03
C ASN A 15 4.29 0.26 4.90
N VAL A 16 4.13 -0.93 5.45
CA VAL A 16 2.99 -1.25 6.30
C VAL A 16 3.31 -2.39 7.26
N ILE A 17 3.64 -2.04 8.50
CA ILE A 17 3.97 -3.04 9.51
C ILE A 17 3.13 -2.84 10.76
N SER A 18 2.47 -3.92 11.17
CA SER A 18 1.61 -3.91 12.36
C SER A 18 0.64 -5.10 12.31
N SER A 19 -0.16 -5.26 13.36
CA SER A 19 -1.13 -6.34 13.43
C SER A 19 -1.98 -6.37 12.16
N ILE A 20 -2.84 -5.38 12.01
CA ILE A 20 -3.71 -5.27 10.85
C ILE A 20 -2.92 -4.74 9.66
N CYS A 21 -3.62 -4.34 8.62
CA CYS A 21 -2.98 -3.81 7.42
C CYS A 21 -3.48 -2.41 7.09
N ALA A 22 -4.76 -2.16 7.37
CA ALA A 22 -5.35 -0.86 7.10
C ALA A 22 -6.15 -0.37 8.30
N GLY A 23 -6.64 0.87 8.21
CA GLY A 23 -7.41 1.45 9.30
C GLY A 23 -8.86 0.99 9.28
N THR A 24 -9.45 0.94 8.09
CA THR A 24 -10.84 0.53 7.94
C THR A 24 -11.02 -0.91 8.43
N ILE A 25 -12.28 -1.28 8.68
CA ILE A 25 -12.59 -2.62 9.15
C ILE A 25 -13.69 -3.27 8.31
N ILE A 26 -13.41 -4.48 7.83
CA ILE A 26 -14.36 -5.22 7.02
C ILE A 26 -14.31 -6.71 7.33
N THR A 27 -13.10 -7.25 7.37
CA THR A 27 -12.91 -8.67 7.67
C THR A 27 -11.43 -8.96 7.94
N ALA A 28 -10.57 -8.47 7.05
CA ALA A 28 -9.13 -8.66 7.19
C ALA A 28 -8.42 -7.31 7.25
N CYS A 29 -8.44 -6.61 6.12
CA CYS A 29 -7.81 -5.29 6.02
C CYS A 29 -7.82 -4.80 4.58
N LYS A 30 -8.35 -3.59 4.38
CA LYS A 30 -8.43 -3.01 3.05
C LYS A 30 -7.04 -2.94 2.40
N ASN A 31 -6.01 -2.89 3.23
CA ASN A 31 -4.63 -2.83 2.74
C ASN A 31 -4.22 -4.15 2.11
N CYS A 32 -3.02 -4.16 1.55
CA CYS A 32 -2.48 -5.35 0.90
C CYS A 32 -2.02 -6.37 1.93
N ALA A 33 -1.26 -5.92 2.91
CA ALA A 33 -0.76 -6.79 3.96
C ALA A 33 -0.22 -5.98 5.14
N ALA A 1 -4.59 7.73 -4.78
CA ALA A 1 -3.85 8.18 -5.99
C ALA A 1 -3.09 7.02 -6.63
N ASP A 2 -3.17 6.91 -7.95
CA ASP A 2 -2.49 5.85 -8.68
C ASP A 2 -1.68 6.42 -9.83
N ARG A 3 -0.44 6.83 -9.54
CA ARG A 3 0.44 7.39 -10.56
C ARG A 3 1.89 7.04 -10.28
N GLY A 4 2.73 7.16 -11.30
CA GLY A 4 4.15 6.86 -11.13
C GLY A 4 4.43 5.37 -11.26
N TRP A 5 5.50 4.91 -10.60
CA TRP A 5 5.88 3.52 -10.65
C TRP A 5 5.04 2.69 -9.68
N ILE A 6 5.20 1.37 -9.74
CA ILE A 6 4.46 0.48 -8.87
C ILE A 6 4.97 0.55 -7.43
N LYS A 7 4.08 0.92 -6.51
CA LYS A 7 4.45 1.03 -5.10
C LYS A 7 3.23 0.86 -4.21
N DBB A 8 2.75 -0.37 -4.09
CA DBB A 8 1.59 -0.67 -3.27
C DBB A 8 0.79 -1.85 -3.84
O DBB A 8 -0.43 -1.81 -3.92
CB DBB A 8 2.02 -0.95 -1.83
CG DBB A 8 0.84 -1.01 -0.88
H DBB A 8 3.19 -1.11 -4.58
HA DBB A 8 0.95 0.20 -3.28
HB3 DBB A 8 2.68 -0.16 -1.51
HG1 DBB A 8 1.20 -1.25 0.12
HG2 DBB A 8 0.15 -1.76 -1.21
HG3 DBB A 8 0.35 -0.04 -0.86
N LEU A 9 1.50 -2.91 -4.24
CA LEU A 9 0.86 -4.09 -4.82
C LEU A 9 0.10 -4.90 -3.76
N DBB A 10 0.65 -4.98 -2.56
CA DBB A 10 0.03 -5.73 -1.49
C DBB A 10 1.07 -6.52 -0.68
O DBB A 10 1.42 -6.16 0.44
CB DBB A 10 -0.77 -4.79 -0.56
CG DBB A 10 0.07 -3.87 0.28
H DBB A 10 1.51 -4.53 -2.40
HA DBB A 10 -0.66 -6.44 -1.93
HB3 DBB A 10 -1.43 -5.36 0.08
HG1 DBB A 10 -0.57 -3.19 0.83
HG2 DBB A 10 0.73 -3.32 -0.36
HG3 DBB A 10 0.65 -4.45 1.00
N LYS A 11 1.56 -7.60 -1.28
CA LYS A 11 2.56 -8.43 -0.62
C LYS A 11 3.96 -7.82 -0.70
N ASP A 12 4.12 -6.81 -1.57
CA ASP A 12 5.41 -6.15 -1.73
C ASP A 12 5.42 -4.75 -1.11
N CYS A 13 4.59 -4.55 -0.10
CA CYS A 13 4.52 -3.25 0.58
C CYS A 13 4.58 -3.42 2.09
N PRO A 14 5.78 -3.34 2.69
CA PRO A 14 5.96 -3.49 4.13
C PRO A 14 5.12 -2.50 4.92
N ASN A 15 4.72 -1.42 4.27
CA ASN A 15 3.91 -0.39 4.91
C ASN A 15 2.58 -0.97 5.39
N VAL A 16 2.04 -1.91 4.61
CA VAL A 16 0.78 -2.55 4.95
C VAL A 16 0.93 -4.07 4.98
N ILE A 17 0.83 -4.64 6.18
CA ILE A 17 0.96 -6.08 6.34
C ILE A 17 -0.35 -6.69 6.84
N SER A 18 -0.28 -7.92 7.34
CA SER A 18 -1.46 -8.61 7.84
C SER A 18 -1.85 -8.12 9.23
N SER A 19 -1.05 -7.21 9.79
CA SER A 19 -1.32 -6.67 11.13
C SER A 19 -2.10 -5.37 11.04
N ILE A 20 -2.72 -5.12 9.89
CA ILE A 20 -3.50 -3.92 9.70
C ILE A 20 -2.68 -2.66 9.94
N CYS A 21 -3.14 -1.56 9.38
CA CYS A 21 -2.46 -0.28 9.51
C CYS A 21 -2.87 0.43 10.80
N ALA A 22 -4.17 0.40 11.09
CA ALA A 22 -4.71 1.03 12.29
C ALA A 22 -4.65 2.55 12.20
N GLY A 23 -5.08 3.08 11.06
CA GLY A 23 -5.09 4.53 10.86
C GLY A 23 -3.79 5.20 11.29
N THR A 24 -2.91 5.45 10.33
CA THR A 24 -1.64 6.10 10.62
C THR A 24 -1.35 7.21 9.61
N ILE A 25 -1.60 8.45 10.01
CA ILE A 25 -1.37 9.60 9.13
C ILE A 25 -2.36 9.61 7.97
N ILE A 26 -2.19 8.68 7.04
CA ILE A 26 -3.07 8.57 5.89
C ILE A 26 -2.97 7.18 5.25
N THR A 27 -3.62 6.21 5.87
CA THR A 27 -3.60 4.84 5.38
C THR A 27 -5.00 4.21 5.45
N ALA A 28 -5.37 3.49 4.40
CA ALA A 28 -6.67 2.84 4.35
C ALA A 28 -6.55 1.37 4.73
N CYS A 29 -5.45 0.75 4.30
CA CYS A 29 -5.18 -0.66 4.60
C CYS A 29 -6.45 -1.52 4.52
N LYS A 30 -7.06 -1.55 3.34
CA LYS A 30 -8.27 -2.32 3.12
C LYS A 30 -8.00 -3.52 2.23
N ASN A 31 -7.76 -3.24 0.95
CA ASN A 31 -7.48 -4.28 -0.02
C ASN A 31 -6.60 -3.75 -1.15
N CYS A 32 -5.36 -4.24 -1.21
CA CYS A 32 -4.42 -3.81 -2.24
C CYS A 32 -4.99 -4.05 -3.64
N ALA A 33 -5.81 -5.08 -3.76
CA ALA A 33 -6.43 -5.43 -5.04
C ALA A 33 -5.36 -5.79 -6.08
N ALA A 1 8.03 14.19 -14.46
CA ALA A 1 6.83 13.46 -13.99
C ALA A 1 7.13 11.97 -13.85
N ASP A 2 6.81 11.41 -12.68
CA ASP A 2 7.04 10.00 -12.42
C ASP A 2 5.75 9.21 -12.52
N ARG A 3 5.12 9.24 -13.69
CA ARG A 3 3.87 8.52 -13.92
C ARG A 3 4.13 7.13 -14.48
N GLY A 4 5.03 6.40 -13.82
CA GLY A 4 5.35 5.05 -14.27
C GLY A 4 5.79 4.16 -13.13
N TRP A 5 5.15 4.32 -11.97
CA TRP A 5 5.48 3.52 -10.79
C TRP A 5 4.23 2.84 -10.24
N ILE A 6 4.33 2.33 -9.01
CA ILE A 6 3.21 1.68 -8.36
C ILE A 6 3.46 1.53 -6.86
N LYS A 7 2.50 1.97 -6.06
CA LYS A 7 2.63 1.89 -4.61
C LYS A 7 1.50 1.07 -3.99
N DBB A 8 1.88 0.00 -3.29
CA DBB A 8 0.91 -0.87 -2.64
C DBB A 8 0.44 -1.97 -3.60
O DBB A 8 -0.76 -2.26 -3.69
CB DBB A 8 1.51 -1.47 -1.38
CG DBB A 8 0.58 -2.42 -0.65
H DBB A 8 2.83 -0.20 -3.20
HA DBB A 8 0.05 -0.27 -2.37
HB3 DBB A 8 1.78 -0.68 -0.70
HG1 DBB A 8 1.04 -2.74 0.27
HG2 DBB A 8 0.38 -3.28 -1.28
HG3 DBB A 8 -0.36 -1.91 -0.43
N LEU A 9 1.38 -2.57 -4.31
CA LEU A 9 1.06 -3.62 -5.27
C LEU A 9 0.61 -4.92 -4.59
N DBB A 10 0.71 -4.98 -3.27
CA DBB A 10 0.30 -6.18 -2.53
C DBB A 10 1.10 -6.34 -1.25
O DBB A 10 1.44 -5.35 -0.58
CB DBB A 10 -1.20 -6.14 -2.23
CG DBB A 10 -1.72 -7.43 -1.62
H DBB A 10 1.06 -4.21 -2.77
HA DBB A 10 0.50 -7.03 -3.17
HB3 DBB A 10 -1.73 -5.97 -3.16
HG1 DBB A 10 -2.71 -7.26 -1.22
HG2 DBB A 10 -1.06 -7.75 -0.83
HG3 DBB A 10 -1.76 -8.20 -2.38
N LYS A 11 1.41 -7.58 -0.90
CA LYS A 11 2.17 -7.88 0.31
C LYS A 11 3.64 -7.52 0.14
N ASP A 12 4.03 -7.15 -1.08
CA ASP A 12 5.41 -6.78 -1.37
C ASP A 12 5.65 -5.29 -1.10
N CYS A 13 4.88 -4.72 -0.18
CA CYS A 13 4.99 -3.31 0.16
C CYS A 13 5.53 -3.13 1.58
N PRO A 14 6.87 -3.09 1.73
CA PRO A 14 7.51 -2.93 3.03
C PRO A 14 7.42 -1.49 3.56
N ASN A 15 6.91 -0.60 2.71
CA ASN A 15 6.77 0.81 3.07
C ASN A 15 5.38 1.07 3.68
N VAL A 16 4.79 2.22 3.36
CA VAL A 16 3.48 2.56 3.88
C VAL A 16 3.52 2.76 5.39
N ILE A 17 4.65 3.29 5.88
CA ILE A 17 4.83 3.52 7.30
C ILE A 17 4.34 4.92 7.70
N SER A 18 3.64 5.59 6.79
CA SER A 18 3.12 6.93 7.06
C SER A 18 1.85 6.86 7.89
N SER A 19 1.17 8.00 8.02
CA SER A 19 -0.07 8.06 8.79
C SER A 19 -1.11 7.13 8.21
N ILE A 20 -1.12 7.01 6.89
CA ILE A 20 -2.09 6.15 6.21
C ILE A 20 -1.54 5.70 4.86
N CYS A 21 -2.13 4.63 4.33
CA CYS A 21 -1.74 4.06 3.04
C CYS A 21 -1.38 5.16 2.04
N ALA A 22 -2.09 6.27 2.13
CA ALA A 22 -1.86 7.40 1.23
C ALA A 22 -2.20 7.03 -0.21
N GLY A 23 -3.48 7.16 -0.56
CA GLY A 23 -3.91 6.84 -1.92
C GLY A 23 -5.28 6.21 -1.94
N THR A 24 -6.31 7.01 -2.25
CA THR A 24 -7.68 6.52 -2.32
C THR A 24 -8.04 5.71 -1.06
N ILE A 25 -7.40 6.05 0.05
CA ILE A 25 -7.65 5.36 1.31
C ILE A 25 -9.14 5.38 1.67
N ILE A 26 -9.52 4.58 2.66
CA ILE A 26 -10.91 4.51 3.09
C ILE A 26 -11.09 5.15 4.46
N THR A 27 -10.09 4.96 5.33
CA THR A 27 -10.15 5.52 6.67
C THR A 27 -8.92 5.10 7.49
N ALA A 28 -8.65 3.80 7.50
CA ALA A 28 -7.52 3.25 8.24
C ALA A 28 -6.54 2.51 7.33
N CYS A 29 -6.79 2.55 6.02
CA CYS A 29 -5.92 1.87 5.07
C CYS A 29 -5.93 0.36 5.32
N LYS A 30 -6.69 -0.36 4.51
CA LYS A 30 -6.80 -1.81 4.65
C LYS A 30 -5.44 -2.49 4.47
N ASN A 31 -4.55 -1.84 3.72
CA ASN A 31 -3.23 -2.39 3.47
C ASN A 31 -3.32 -3.69 2.69
N CYS A 32 -2.17 -4.28 2.39
CA CYS A 32 -2.12 -5.53 1.64
C CYS A 32 -1.81 -6.70 2.56
N ALA A 33 -2.31 -6.64 3.79
CA ALA A 33 -2.08 -7.70 4.76
C ALA A 33 -3.26 -8.67 4.80
N ALA A 1 3.16 2.27 -12.16
CA ALA A 1 4.60 2.66 -12.28
C ALA A 1 4.77 3.77 -13.31
N ASP A 2 3.79 4.66 -13.39
CA ASP A 2 3.84 5.77 -14.33
C ASP A 2 4.38 7.03 -13.66
N ARG A 3 4.06 7.20 -12.38
CA ARG A 3 4.52 8.36 -11.62
C ARG A 3 5.80 8.04 -10.87
N GLY A 4 5.97 6.77 -10.49
CA GLY A 4 7.16 6.38 -9.77
C GLY A 4 7.00 5.02 -9.10
N TRP A 5 6.83 3.98 -9.93
CA TRP A 5 6.67 2.62 -9.40
C TRP A 5 5.39 2.51 -8.57
N ILE A 6 4.53 1.55 -8.92
CA ILE A 6 3.29 1.35 -8.20
C ILE A 6 3.54 1.08 -6.72
N LYS A 7 3.03 1.96 -5.88
CA LYS A 7 3.20 1.83 -4.43
C LYS A 7 1.98 1.18 -3.79
N DBB A 8 2.15 -0.08 -3.37
CA DBB A 8 1.05 -0.82 -2.74
C DBB A 8 0.56 -1.94 -3.64
O DBB A 8 -0.64 -2.12 -3.83
CB DBB A 8 1.51 -1.37 -1.38
CG DBB A 8 0.41 -2.05 -0.60
H DBB A 8 3.01 -0.51 -3.49
HA DBB A 8 0.24 -0.13 -2.57
HB3 DBB A 8 1.93 -0.57 -0.79
HG1 DBB A 8 0.77 -2.29 0.39
HG2 DBB A 8 0.10 -2.95 -1.11
HG3 DBB A 8 -0.43 -1.37 -0.51
N LEU A 9 1.50 -2.69 -4.22
CA LEU A 9 1.17 -3.79 -5.13
C LEU A 9 0.86 -5.09 -4.37
N DBB A 10 0.45 -4.97 -3.11
CA DBB A 10 0.10 -6.14 -2.31
C DBB A 10 1.09 -6.35 -1.16
O DBB A 10 1.56 -5.40 -0.55
CB DBB A 10 -1.31 -6.00 -1.76
CG DBB A 10 -1.48 -4.81 -0.83
H DBB A 10 0.36 -4.08 -2.71
HA DBB A 10 0.13 -7.00 -2.96
HB3 DBB A 10 -1.58 -6.90 -1.22
HG1 DBB A 10 -1.52 -3.90 -1.41
HG2 DBB A 10 -0.65 -4.76 -0.14
HG3 DBB A 10 -2.40 -4.93 -0.27
N LYS A 11 1.37 -7.62 -0.87
CA LYS A 11 2.28 -7.98 0.21
C LYS A 11 3.71 -7.51 -0.06
N ASP A 12 3.97 -7.03 -1.28
CA ASP A 12 5.30 -6.56 -1.64
C ASP A 12 5.50 -5.09 -1.25
N CYS A 13 4.77 -4.66 -0.22
CA CYS A 13 4.88 -3.28 0.26
C CYS A 13 5.38 -3.23 1.70
N PRO A 14 6.64 -2.80 1.90
CA PRO A 14 7.23 -2.70 3.24
C PRO A 14 6.62 -1.58 4.08
N ASN A 15 5.30 -1.59 4.20
CA ASN A 15 4.60 -0.59 4.97
C ASN A 15 3.23 -1.13 5.40
N VAL A 16 2.24 -0.24 5.52
CA VAL A 16 0.90 -0.62 5.92
C VAL A 16 0.93 -1.53 7.15
N ILE A 17 1.87 -1.27 8.06
CA ILE A 17 2.00 -2.06 9.27
C ILE A 17 1.24 -1.42 10.43
N SER A 18 0.31 -0.51 10.11
CA SER A 18 -0.49 0.15 11.13
C SER A 18 -1.98 -0.11 10.91
N SER A 19 -2.51 0.44 9.83
CA SER A 19 -3.92 0.26 9.50
C SER A 19 -4.28 1.01 8.22
N ILE A 20 -4.61 0.26 7.18
CA ILE A 20 -4.98 0.85 5.90
C ILE A 20 -3.79 1.58 5.26
N CYS A 21 -3.73 1.57 3.94
CA CYS A 21 -2.66 2.23 3.21
C CYS A 21 -2.83 3.74 3.23
N ALA A 22 -2.66 4.33 4.40
CA ALA A 22 -2.80 5.78 4.56
C ALA A 22 -1.47 6.41 4.96
N GLY A 23 -0.52 6.43 4.02
CA GLY A 23 0.78 7.01 4.28
C GLY A 23 1.27 7.88 3.13
N THR A 24 0.58 8.99 2.89
CA THR A 24 0.94 9.91 1.82
C THR A 24 1.27 9.17 0.52
N ILE A 25 0.46 8.16 0.21
CA ILE A 25 0.66 7.37 -1.00
C ILE A 25 -0.67 7.00 -1.64
N ILE A 26 -1.56 6.41 -0.86
CA ILE A 26 -2.87 6.01 -1.36
C ILE A 26 -3.99 6.78 -0.67
N THR A 27 -5.15 6.84 -1.31
CA THR A 27 -6.30 7.56 -0.75
C THR A 27 -6.75 6.93 0.56
N ALA A 28 -7.50 5.83 0.46
CA ALA A 28 -8.01 5.14 1.65
C ALA A 28 -7.52 3.69 1.69
N CYS A 29 -7.36 3.08 0.51
CA CYS A 29 -6.91 1.70 0.43
C CYS A 29 -7.91 0.76 1.09
N LYS A 30 -8.57 -0.07 0.29
CA LYS A 30 -9.55 -1.01 0.79
C LYS A 30 -8.98 -2.42 0.84
N ASN A 31 -8.71 -2.98 -0.34
CA ASN A 31 -8.16 -4.31 -0.44
C ASN A 31 -7.18 -4.41 -1.61
N CYS A 32 -6.34 -5.45 -1.60
CA CYS A 32 -5.37 -5.65 -2.66
C CYS A 32 -5.88 -6.62 -3.71
N ALA A 33 -6.48 -7.72 -3.25
CA ALA A 33 -7.02 -8.73 -4.15
C ALA A 33 -8.53 -8.57 -4.32
N ALA A 1 6.86 12.01 -7.44
CA ALA A 1 7.53 12.78 -8.52
C ALA A 1 7.58 11.98 -9.82
N ASP A 2 8.05 10.73 -9.73
CA ASP A 2 8.15 9.87 -10.89
C ASP A 2 7.34 8.60 -10.70
N ARG A 3 7.00 7.96 -11.81
CA ARG A 3 6.22 6.72 -11.77
C ARG A 3 6.77 5.69 -12.74
N GLY A 4 6.58 4.42 -12.41
CA GLY A 4 7.08 3.35 -13.27
C GLY A 4 6.88 1.98 -12.66
N TRP A 5 7.00 1.90 -11.34
CA TRP A 5 6.83 0.64 -10.63
C TRP A 5 5.44 0.54 -10.03
N ILE A 6 5.12 -0.63 -9.48
CA ILE A 6 3.81 -0.85 -8.88
C ILE A 6 3.87 -0.68 -7.36
N LYS A 7 3.81 0.58 -6.92
CA LYS A 7 3.85 0.88 -5.49
C LYS A 7 2.53 0.55 -4.82
N DBB A 8 2.60 -0.26 -3.76
CA DBB A 8 1.40 -0.66 -3.03
C DBB A 8 0.63 -1.73 -3.80
O DBB A 8 -0.59 -1.66 -3.94
CB DBB A 8 1.77 -1.16 -1.64
CG DBB A 8 0.60 -1.72 -0.86
H DBB A 8 3.47 -0.59 -3.46
HA DBB A 8 0.77 0.22 -2.93
HB3 DBB A 8 2.20 -0.35 -1.06
HG1 DBB A 8 0.94 -2.08 0.10
HG2 DBB A 8 0.19 -2.56 -1.41
HG3 DBB A 8 -0.15 -0.97 -0.73
N LEU A 9 1.35 -2.72 -4.31
CA LEU A 9 0.73 -3.81 -5.06
C LEU A 9 0.11 -4.86 -4.14
N DBB A 10 0.70 -5.05 -2.97
CA DBB A 10 0.18 -6.02 -2.01
C DBB A 10 1.24 -6.43 -0.99
O DBB A 10 1.80 -5.59 -0.28
CB DBB A 10 -1.08 -5.47 -1.32
CG DBB A 10 -2.03 -6.57 -0.87
H DBB A 10 1.49 -4.52 -2.74
HA DBB A 10 -0.10 -6.90 -2.58
HB3 DBB A 10 -1.60 -4.85 -2.03
HG1 DBB A 10 -2.75 -6.16 -0.17
HG2 DBB A 10 -1.47 -7.35 -0.38
HG3 DBB A 10 -2.55 -6.97 -1.73
N LYS A 11 1.54 -7.73 -0.94
CA LYS A 11 2.53 -8.26 -0.01
C LYS A 11 3.91 -7.65 -0.24
N ASP A 12 4.10 -7.00 -1.38
CA ASP A 12 5.38 -6.37 -1.70
C ASP A 12 5.44 -4.93 -1.19
N CYS A 13 4.70 -4.65 -0.12
CA CYS A 13 4.68 -3.33 0.47
C CYS A 13 4.90 -3.39 1.98
N PRO A 14 6.11 -3.74 2.42
CA PRO A 14 6.44 -3.85 3.85
C PRO A 14 6.45 -2.49 4.55
N ASN A 15 6.51 -1.43 3.76
CA ASN A 15 6.52 -0.07 4.31
C ASN A 15 6.59 0.97 3.20
N VAL A 16 7.34 0.65 2.15
CA VAL A 16 7.50 1.56 1.02
C VAL A 16 8.35 2.77 1.39
N ILE A 17 8.92 3.41 0.38
CA ILE A 17 9.77 4.59 0.60
C ILE A 17 9.19 5.81 -0.11
N SER A 18 10.03 6.82 -0.34
CA SER A 18 9.60 8.05 -1.00
C SER A 18 8.58 8.80 -0.16
N SER A 19 7.31 8.39 -0.26
CA SER A 19 6.24 9.02 0.50
C SER A 19 4.90 8.36 0.23
N ILE A 20 4.70 7.19 0.83
CA ILE A 20 3.46 6.43 0.66
C ILE A 20 3.24 6.07 -0.81
N CYS A 21 2.56 4.95 -1.04
CA CYS A 21 2.28 4.48 -2.38
C CYS A 21 1.65 5.57 -3.25
N ALA A 22 0.66 6.26 -2.69
CA ALA A 22 -0.02 7.33 -3.41
C ALA A 22 -1.12 7.95 -2.55
N GLY A 23 -0.87 9.17 -2.08
CA GLY A 23 -1.84 9.88 -1.25
C GLY A 23 -2.41 9.02 -0.15
N THR A 24 -3.74 8.97 -0.06
CA THR A 24 -4.41 8.19 0.95
C THR A 24 -5.81 7.78 0.49
N ILE A 25 -5.99 7.69 -0.82
CA ILE A 25 -7.29 7.32 -1.38
C ILE A 25 -7.22 5.92 -2.00
N ILE A 26 -8.28 5.14 -1.78
CA ILE A 26 -8.35 3.78 -2.30
C ILE A 26 -7.37 2.87 -1.57
N THR A 27 -6.08 3.15 -1.73
CA THR A 27 -5.03 2.35 -1.09
C THR A 27 -4.61 2.98 0.23
N ALA A 28 -3.86 2.23 1.03
CA ALA A 28 -3.38 2.72 2.32
C ALA A 28 -1.86 2.70 2.38
N CYS A 29 -1.24 1.85 1.55
CA CYS A 29 0.21 1.73 1.51
C CYS A 29 0.79 1.58 2.92
N LYS A 30 0.00 1.03 3.83
CA LYS A 30 0.44 0.81 5.21
C LYS A 30 0.63 -0.67 5.49
N ASN A 31 -0.22 -1.48 4.89
CA ASN A 31 -0.16 -2.94 5.06
C ASN A 31 -0.90 -3.65 3.93
N CYS A 32 -0.57 -4.91 3.72
CA CYS A 32 -1.20 -5.70 2.66
C CYS A 32 -1.48 -7.12 3.13
N ALA A 33 -0.49 -7.73 3.79
CA ALA A 33 -0.63 -9.09 4.29
C ALA A 33 0.38 -9.39 5.39
N ALA A 1 10.63 9.03 -8.74
CA ALA A 1 12.05 8.74 -8.38
C ALA A 1 12.53 7.49 -9.08
N ASP A 2 13.84 7.22 -8.97
CA ASP A 2 14.43 6.04 -9.59
C ASP A 2 14.59 4.92 -8.58
N ARG A 3 13.63 4.81 -7.67
CA ARG A 3 13.66 3.77 -6.65
C ARG A 3 12.40 2.91 -6.69
N GLY A 4 11.92 2.64 -7.89
CA GLY A 4 10.72 1.84 -8.06
C GLY A 4 9.49 2.51 -7.48
N TRP A 5 8.43 2.59 -8.28
CA TRP A 5 7.20 3.22 -7.83
C TRP A 5 6.61 2.48 -6.62
N ILE A 6 6.10 1.28 -6.85
CA ILE A 6 5.52 0.48 -5.78
C ILE A 6 4.57 1.31 -4.92
N LYS A 7 3.29 1.31 -5.29
CA LYS A 7 2.29 2.07 -4.54
C LYS A 7 1.25 1.15 -3.92
N DBB A 8 1.72 0.10 -3.25
CA DBB A 8 0.81 -0.86 -2.62
C DBB A 8 0.40 -1.96 -3.58
O DBB A 8 -0.78 -2.29 -3.70
CB DBB A 8 1.47 -1.45 -1.36
CG DBB A 8 0.56 -2.36 -0.57
H DBB A 8 2.68 -0.03 -3.18
HA DBB A 8 -0.07 -0.32 -2.31
HB3 DBB A 8 1.80 -0.64 -0.72
HG1 DBB A 8 1.04 -2.64 0.36
HG2 DBB A 8 0.34 -3.24 -1.15
HG3 DBB A 8 -0.36 -1.84 -0.35
N LEU A 9 1.38 -2.52 -4.30
CA LEU A 9 1.11 -3.57 -5.28
C LEU A 9 0.83 -4.93 -4.62
N DBB A 10 0.71 -4.96 -3.30
CA DBB A 10 0.44 -6.20 -2.60
C DBB A 10 1.30 -6.34 -1.35
O DBB A 10 1.94 -5.39 -0.91
CB DBB A 10 -1.04 -6.29 -2.22
CG DBB A 10 -1.43 -7.60 -1.57
H DBB A 10 0.80 -4.13 -2.79
HA DBB A 10 0.67 -7.01 -3.27
HB3 DBB A 10 -1.64 -6.15 -3.10
HG1 DBB A 10 -0.98 -7.67 -0.59
HG2 DBB A 10 -1.09 -8.43 -2.18
HG3 DBB A 10 -2.51 -7.64 -1.47
N LYS A 11 1.34 -7.55 -0.80
CA LYS A 11 2.11 -7.84 0.41
C LYS A 11 3.58 -7.46 0.23
N ASP A 12 4.00 -7.26 -1.02
CA ASP A 12 5.38 -6.88 -1.33
C ASP A 12 5.61 -5.38 -1.11
N CYS A 13 4.84 -4.78 -0.21
CA CYS A 13 4.96 -3.35 0.08
C CYS A 13 5.58 -3.12 1.46
N PRO A 14 6.91 -3.18 1.57
CA PRO A 14 7.60 -2.97 2.86
C PRO A 14 7.12 -1.71 3.57
N ASN A 15 6.65 -0.75 2.78
CA ASN A 15 6.15 0.51 3.30
C ASN A 15 5.41 1.28 2.22
N VAL A 16 4.23 1.78 2.56
CA VAL A 16 3.42 2.53 1.63
C VAL A 16 3.73 4.02 1.71
N ILE A 17 2.99 4.82 0.96
CA ILE A 17 3.18 6.26 0.95
C ILE A 17 1.98 6.97 1.55
N SER A 18 1.92 8.28 1.38
CA SER A 18 0.82 9.08 1.91
C SER A 18 -0.52 8.59 1.38
N SER A 19 -0.50 7.94 0.22
CA SER A 19 -1.72 7.42 -0.39
C SER A 19 -2.43 6.43 0.53
N ILE A 20 -1.68 5.82 1.44
CA ILE A 20 -2.24 4.86 2.37
C ILE A 20 -1.48 4.88 3.69
N CYS A 21 -1.94 4.09 4.65
CA CYS A 21 -1.30 4.03 5.96
C CYS A 21 0.08 3.38 5.86
N ALA A 22 0.09 2.05 5.78
CA ALA A 22 1.34 1.29 5.68
C ALA A 22 1.07 -0.20 5.86
N GLY A 23 -0.01 -0.68 5.27
CA GLY A 23 -0.34 -2.09 5.37
C GLY A 23 -0.75 -2.48 6.78
N THR A 24 -2.01 -2.21 7.12
CA THR A 24 -2.53 -2.55 8.45
C THR A 24 -3.94 -3.13 8.36
N ILE A 25 -4.39 -3.74 9.44
CA ILE A 25 -5.72 -4.34 9.49
C ILE A 25 -6.72 -3.41 10.15
N ILE A 26 -6.50 -2.11 10.01
CA ILE A 26 -7.38 -1.10 10.59
C ILE A 26 -7.54 0.09 9.65
N THR A 27 -8.61 0.84 9.86
CA THR A 27 -8.89 2.01 9.03
C THR A 27 -9.14 1.61 7.59
N ALA A 28 -9.75 2.52 6.83
CA ALA A 28 -10.06 2.26 5.42
C ALA A 28 -8.86 1.72 4.67
N CYS A 29 -7.66 2.06 5.13
CA CYS A 29 -6.44 1.60 4.48
C CYS A 29 -6.22 0.11 4.72
N LYS A 30 -7.12 -0.70 4.18
CA LYS A 30 -7.02 -2.15 4.32
C LYS A 30 -6.67 -2.82 2.99
N ASN A 31 -7.12 -2.21 1.91
CA ASN A 31 -6.84 -2.74 0.57
C ASN A 31 -5.38 -2.53 0.19
N CYS A 32 -4.95 -3.24 -0.84
CA CYS A 32 -3.57 -3.15 -1.32
C CYS A 32 -3.46 -2.11 -2.44
N ALA A 33 -4.32 -2.25 -3.45
CA ALA A 33 -4.31 -1.33 -4.58
C ALA A 33 -4.85 0.04 -4.17
N ALA A 1 0.08 -2.14 -18.15
CA ALA A 1 0.16 -3.63 -18.20
C ALA A 1 1.15 -4.15 -17.16
N ASP A 2 2.40 -3.72 -17.26
CA ASP A 2 3.43 -4.14 -16.33
C ASP A 2 3.31 -3.40 -15.00
N ARG A 3 4.04 -3.88 -14.00
CA ARG A 3 4.02 -3.26 -12.67
C ARG A 3 5.26 -2.40 -12.44
N GLY A 4 5.04 -1.11 -12.22
CA GLY A 4 6.15 -0.21 -11.98
C GLY A 4 6.78 -0.40 -10.61
N TRP A 5 7.05 0.71 -9.92
CA TRP A 5 7.66 0.65 -8.60
C TRP A 5 6.63 0.20 -7.56
N ILE A 6 7.05 0.18 -6.29
CA ILE A 6 6.16 -0.23 -5.20
C ILE A 6 5.24 0.90 -4.78
N LYS A 7 3.94 0.71 -5.04
CA LYS A 7 2.94 1.72 -4.68
C LYS A 7 1.73 1.07 -4.03
N DBB A 8 1.96 -0.02 -3.32
CA DBB A 8 0.90 -0.75 -2.65
C DBB A 8 0.23 -1.74 -3.59
O DBB A 8 -1.00 -1.82 -3.65
CB DBB A 8 1.45 -1.46 -1.41
CG DBB A 8 0.46 -2.41 -0.76
H DBB A 8 2.88 -0.36 -3.25
HA DBB A 8 0.16 -0.02 -2.33
HB3 DBB A 8 1.76 -0.73 -0.68
HG1 DBB A 8 0.87 -2.77 0.18
HG2 DBB A 8 0.28 -3.24 -1.41
HG3 DBB A 8 -0.47 -1.89 -0.56
N LEU A 9 1.05 -2.47 -4.34
CA LEU A 9 0.53 -3.45 -5.30
C LEU A 9 0.40 -4.85 -4.70
N DBB A 10 0.77 -5.01 -3.43
CA DBB A 10 0.67 -6.31 -2.78
C DBB A 10 1.40 -6.33 -1.45
O DBB A 10 1.86 -5.29 -0.96
CB DBB A 10 -0.80 -6.69 -2.59
CG DBB A 10 -1.04 -8.13 -2.19
H DBB A 10 1.11 -4.24 -2.92
HA DBB A 10 1.12 -7.04 -3.44
HB3 DBB A 10 -1.34 -6.49 -3.51
HG1 DBB A 10 -2.07 -8.37 -2.33
HG2 DBB A 10 -0.76 -8.27 -1.15
HG3 DBB A 10 -0.42 -8.78 -2.82
N LYS A 11 1.50 -7.52 -0.85
CA LYS A 11 2.15 -7.70 0.43
C LYS A 11 3.63 -7.34 0.36
N ASP A 12 4.18 -7.33 -0.85
CA ASP A 12 5.59 -6.99 -1.04
C ASP A 12 5.88 -5.57 -0.56
N CYS A 13 4.81 -4.76 -0.48
CA CYS A 13 4.94 -3.38 -0.03
C CYS A 13 5.52 -3.32 1.39
N PRO A 14 6.75 -2.79 1.54
CA PRO A 14 7.40 -2.68 2.85
C PRO A 14 6.53 -1.93 3.86
N ASN A 15 5.61 -1.13 3.34
CA ASN A 15 4.72 -0.34 4.18
C ASN A 15 3.81 0.53 3.32
N VAL A 16 2.55 0.63 3.72
CA VAL A 16 1.58 1.42 2.99
C VAL A 16 1.21 2.68 3.77
N ILE A 17 1.90 3.78 3.47
CA ILE A 17 1.63 5.05 4.14
C ILE A 17 0.67 5.91 3.33
N SER A 18 -0.04 5.29 2.39
CA SER A 18 -0.99 6.00 1.54
C SER A 18 -2.41 5.54 1.82
N SER A 19 -2.65 4.24 1.66
CA SER A 19 -3.98 3.67 1.89
C SER A 19 -4.32 3.72 3.39
N ILE A 20 -4.07 2.61 4.09
CA ILE A 20 -4.36 2.53 5.51
C ILE A 20 -3.10 2.20 6.31
N CYS A 21 -3.06 1.05 6.97
CA CYS A 21 -1.90 0.67 7.76
C CYS A 21 -1.50 1.79 8.70
N ALA A 22 -2.52 2.47 9.25
CA ALA A 22 -2.32 3.59 10.16
C ALA A 22 -1.20 3.31 11.17
N GLY A 23 0.01 3.74 10.82
CA GLY A 23 1.15 3.53 11.70
C GLY A 23 1.35 2.07 12.04
N THR A 24 1.39 1.21 11.02
CA THR A 24 1.58 -0.22 11.23
C THR A 24 2.28 -0.85 10.03
N ILE A 25 2.66 -2.11 10.18
CA ILE A 25 3.35 -2.83 9.10
C ILE A 25 2.39 -3.76 8.37
N ILE A 26 1.90 -4.77 9.06
CA ILE A 26 0.97 -5.74 8.47
C ILE A 26 0.01 -6.29 9.51
N THR A 27 -1.21 -5.76 9.54
CA THR A 27 -2.21 -6.21 10.48
C THR A 27 -3.62 -5.94 9.97
N ALA A 28 -3.91 -4.68 9.69
CA ALA A 28 -5.22 -4.29 9.18
C ALA A 28 -5.15 -3.81 7.73
N CYS A 29 -3.95 -3.41 7.31
CA CYS A 29 -3.75 -2.92 5.95
C CYS A 29 -3.49 -4.08 4.98
N LYS A 30 -4.42 -5.02 4.95
CA LYS A 30 -4.31 -6.18 4.08
C LYS A 30 -4.72 -5.85 2.65
N ASN A 31 -5.65 -4.91 2.52
CA ASN A 31 -6.14 -4.49 1.20
C ASN A 31 -5.06 -3.73 0.45
N CYS A 32 -4.56 -4.32 -0.63
CA CYS A 32 -3.53 -3.71 -1.45
C CYS A 32 -4.13 -2.68 -2.40
N ALA A 33 -5.09 -3.11 -3.21
CA ALA A 33 -5.76 -2.22 -4.15
C ALA A 33 -7.25 -2.53 -4.25
N ALA A 1 12.80 5.64 -17.95
CA ALA A 1 12.71 7.12 -17.99
C ALA A 1 11.29 7.60 -17.76
N ASP A 2 10.35 7.05 -18.52
CA ASP A 2 8.94 7.43 -18.40
C ASP A 2 8.04 6.23 -18.68
N ARG A 3 7.70 5.50 -17.61
CA ARG A 3 6.84 4.32 -17.74
C ARG A 3 5.80 4.30 -16.63
N GLY A 4 6.25 4.12 -15.40
CA GLY A 4 5.34 4.08 -14.27
C GLY A 4 5.69 2.99 -13.28
N TRP A 5 6.46 3.35 -12.25
CA TRP A 5 6.86 2.40 -11.23
C TRP A 5 5.65 1.85 -10.48
N ILE A 6 5.70 0.57 -10.13
CA ILE A 6 4.61 -0.08 -9.42
C ILE A 6 5.00 -0.40 -7.99
N LYS A 7 4.56 0.42 -7.05
CA LYS A 7 4.87 0.22 -5.64
C LYS A 7 3.61 0.36 -4.79
N DBB A 8 3.10 -0.77 -4.28
CA DBB A 8 1.90 -0.76 -3.46
C DBB A 8 0.91 -1.83 -3.93
O DBB A 8 -0.27 -1.55 -4.10
CB DBB A 8 2.27 -0.96 -1.99
CG DBB A 8 1.04 -1.01 -1.09
H DBB A 8 3.55 -1.61 -4.48
HA DBB A 8 1.43 0.21 -3.58
HB3 DBB A 8 2.89 -0.15 -1.67
HG1 DBB A 8 1.36 -1.06 -0.06
HG2 DBB A 8 0.45 -1.87 -1.33
HG3 DBB A 8 0.46 -0.12 -1.23
N LEU A 9 1.41 -3.03 -4.18
CA LEU A 9 0.57 -4.12 -4.65
C LEU A 9 -0.07 -4.91 -3.51
N DBB A 10 0.57 -4.92 -2.35
CA DBB A 10 0.06 -5.66 -1.20
C DBB A 10 1.14 -6.52 -0.57
O DBB A 10 1.51 -6.34 0.58
CB DBB A 10 -0.52 -4.70 -0.16
CG DBB A 10 0.50 -3.80 0.50
H DBB A 10 1.41 -4.43 -2.27
HA DBB A 10 -0.74 -6.30 -1.56
HB3 DBB A 10 -1.05 -5.25 0.60
HG1 DBB A 10 0.00 -3.06 1.10
HG2 DBB A 10 1.08 -3.32 -0.27
HG3 DBB A 10 1.15 -4.40 1.13
N LYS A 11 1.65 -7.47 -1.37
CA LYS A 11 2.70 -8.37 -0.89
C LYS A 11 4.06 -7.69 -0.92
N ASP A 12 4.20 -6.65 -1.75
CA ASP A 12 5.46 -5.93 -1.87
C ASP A 12 5.44 -4.63 -1.06
N CYS A 13 4.55 -4.54 -0.09
CA CYS A 13 4.45 -3.35 0.76
C CYS A 13 4.00 -3.71 2.16
N PRO A 14 4.96 -3.97 3.07
CA PRO A 14 4.67 -4.33 4.46
C PRO A 14 4.52 -3.09 5.35
N ASN A 15 3.84 -2.08 4.82
CA ASN A 15 3.61 -0.83 5.56
C ASN A 15 2.95 0.23 4.69
N VAL A 16 3.16 0.13 3.38
CA VAL A 16 2.59 1.08 2.42
C VAL A 16 3.37 2.39 2.43
N ILE A 17 3.67 2.89 1.22
CA ILE A 17 4.42 4.13 1.09
C ILE A 17 3.50 5.35 1.03
N SER A 18 2.25 5.16 1.45
CA SER A 18 1.27 6.25 1.45
C SER A 18 0.31 6.11 2.62
N SER A 19 -0.39 7.20 2.94
CA SER A 19 -1.35 7.20 4.05
C SER A 19 -2.42 6.14 3.83
N ILE A 20 -3.33 6.42 2.91
CA ILE A 20 -4.40 5.52 2.59
C ILE A 20 -3.97 4.52 1.53
N CYS A 21 -4.90 3.70 1.08
CA CYS A 21 -4.63 2.70 0.05
C CYS A 21 -5.67 2.75 -1.05
N ALA A 22 -6.93 2.80 -0.63
CA ALA A 22 -8.06 2.84 -1.55
C ALA A 22 -9.16 3.77 -1.05
N GLY A 23 -10.26 3.82 -1.79
CA GLY A 23 -11.36 4.67 -1.41
C GLY A 23 -12.00 4.26 -0.09
N THR A 24 -13.32 4.10 -0.10
CA THR A 24 -14.05 3.69 1.09
C THR A 24 -13.89 4.73 2.20
N ILE A 25 -14.88 4.80 3.08
CA ILE A 25 -14.85 5.75 4.20
C ILE A 25 -14.65 5.02 5.53
N ILE A 26 -15.18 3.81 5.63
CA ILE A 26 -15.06 3.02 6.84
C ILE A 26 -13.60 2.81 7.21
N THR A 27 -12.82 2.28 6.28
CA THR A 27 -11.41 2.03 6.51
C THR A 27 -10.56 2.83 5.52
N ALA A 28 -9.27 2.97 5.83
CA ALA A 28 -8.36 3.71 4.97
C ALA A 28 -7.53 2.76 4.12
N CYS A 29 -6.61 2.06 4.77
CA CYS A 29 -5.74 1.10 4.07
C CYS A 29 -5.44 -0.10 4.95
N LYS A 30 -6.22 -1.16 4.77
CA LYS A 30 -6.04 -2.39 5.52
C LYS A 30 -5.51 -3.51 4.63
N ASN A 31 -5.87 -3.45 3.35
CA ASN A 31 -5.45 -4.44 2.38
C ASN A 31 -5.08 -3.79 1.05
N CYS A 32 -4.74 -4.62 0.07
CA CYS A 32 -4.36 -4.11 -1.25
C CYS A 32 -5.31 -4.63 -2.33
N ALA A 33 -5.74 -5.88 -2.16
CA ALA A 33 -6.65 -6.50 -3.12
C ALA A 33 -8.10 -6.43 -2.63
#